data_7NNG
#
_entry.id   7NNG
#
_cell.length_a   59.205
_cell.length_b   70.353
_cell.length_c   85.499
_cell.angle_alpha   103.160
_cell.angle_beta   96.098
_cell.angle_gamma   112.040
#
_symmetry.space_group_name_H-M   'P 1'
#
loop_
_entity.id
_entity.type
_entity.pdbx_description
1 polymer 'SARS-CoV-2 helicase NSP13'
2 non-polymer '1-(2-methylphenyl)-1,2,3-triazole-4-carboxylic acid'
3 non-polymer 'ZINC ION'
4 non-polymer 'PHOSPHATE ION'
5 water water
#
_entity_poly.entity_id   1
_entity_poly.type   'polypeptide(L)'
_entity_poly.pdbx_seq_one_letter_code
;AVGACVLCNSQTSLRCGACIRRPFLCCKCCYDHVISTSHKLVLSVNPYVCNAPGCDVTDVTQLYLGGMSYYCKSHKPPIS
FPLCANGQVFGLYKNTCVGSDNVTDFNAIATCDWTNAGDYILANTCTERLKLFAAETLKATEETFKLSYGIATVREVLSD
RELHLSWEVGKPRPPLNRNYVFTGYRVTKNSKVQIGEYTFEKGDYGDAVVYRGTTTYKLNVGDYFVLTSHTVMPLSAPTL
VPQEHYVRITGLYPTLNISDEFSSNVANYQKVGMQKYSTLQGPPGTGKSHFAIGLALYYPSARIVYTACSHAAVDALCEK
ALKYLPIDKCSRIIPARARVECFDKFKVNSTLEQYVFCTVNALPETTADIVVFDEISMATNYDLSVVNARLRAKHYVYIG
DPAQLPAPRTLLTKGTLEPEYFNSVCRLMKTIGPDMFLGTCRRCPAEIVDTVSALVYDNKLKAHKDKSAQCFKMFYKGVI
THDVSSAINRPQIGVVREFLTRNPAWRKAVFISPYNSQNAVASKILGLPTQTVDSSQGSEYDYVIFTQTTETAHSCNVNR
FNVAITRAKVGILCIMSDRDLYDKLQFTSLEIPRRNVATLQ
;
_entity_poly.pdbx_strand_id   B,A
#
loop_
_chem_comp.id
_chem_comp.type
_chem_comp.name
_chem_comp.formula
PO4 non-polymer 'PHOSPHATE ION' 'O4 P -3'
UJK non-polymer '1-(2-methylphenyl)-1,2,3-triazole-4-carboxylic acid' 'C10 H9 N3 O2'
ZN non-polymer 'ZINC ION' 'Zn 2'
#
# COMPACT_ATOMS: atom_id res chain seq x y z
N VAL A 2 -8.94 8.37 23.76
CA VAL A 2 -10.26 8.97 23.85
C VAL A 2 -11.04 8.73 22.56
N GLY A 3 -12.27 8.26 22.68
CA GLY A 3 -13.08 7.98 21.50
C GLY A 3 -14.53 7.79 21.88
N ALA A 4 -15.34 7.54 20.85
CA ALA A 4 -16.77 7.38 21.02
C ALA A 4 -17.10 5.96 21.44
N CYS A 5 -18.04 5.84 22.38
CA CYS A 5 -18.47 4.53 22.83
C CYS A 5 -19.19 3.78 21.72
N VAL A 6 -19.02 2.46 21.69
CA VAL A 6 -19.65 1.63 20.67
C VAL A 6 -21.09 1.28 21.02
N LEU A 7 -21.55 1.61 22.23
CA LEU A 7 -22.91 1.32 22.67
C LEU A 7 -23.76 2.56 22.85
N CYS A 8 -23.17 3.66 23.33
CA CYS A 8 -23.93 4.88 23.58
C CYS A 8 -23.28 6.14 23.02
N ASN A 9 -22.13 6.01 22.34
CA ASN A 9 -21.46 7.13 21.69
C ASN A 9 -20.91 8.14 22.71
N SER A 10 -21.25 7.97 23.99
CA SER A 10 -20.81 8.89 25.02
C SER A 10 -19.28 8.94 25.06
N GLN A 11 -18.73 10.15 24.93
CA GLN A 11 -17.29 10.31 24.84
C GLN A 11 -16.59 9.69 26.05
N THR A 12 -15.49 9.01 25.80
CA THR A 12 -14.85 8.18 26.81
C THR A 12 -13.34 8.19 26.64
N SER A 13 -12.64 7.97 27.75
CA SER A 13 -11.23 7.64 27.74
C SER A 13 -11.02 6.26 28.34
N LEU A 14 -11.73 5.26 27.82
CA LEU A 14 -11.65 3.89 28.33
C LEU A 14 -11.74 2.90 27.17
N ARG A 15 -10.94 1.84 27.25
CA ARG A 15 -10.90 0.79 26.25
C ARG A 15 -10.79 -0.56 26.94
N CYS A 16 -11.54 -1.54 26.47
CA CYS A 16 -11.44 -2.88 27.04
C CYS A 16 -10.18 -3.57 26.55
N GLY A 17 -9.39 -4.08 27.50
CA GLY A 17 -8.13 -4.72 27.15
C GLY A 17 -8.26 -6.17 26.74
N ALA A 18 -9.38 -6.81 27.09
CA ALA A 18 -9.60 -8.20 26.73
C ALA A 18 -10.22 -8.37 25.35
N CYS A 19 -10.88 -7.34 24.82
CA CYS A 19 -11.39 -7.40 23.45
C CYS A 19 -10.25 -7.15 22.47
N ILE A 20 -10.21 -7.96 21.41
CA ILE A 20 -9.12 -7.87 20.44
C ILE A 20 -9.19 -6.58 19.63
N ARG A 21 -10.35 -5.93 19.58
CA ARG A 21 -10.50 -4.64 18.91
C ARG A 21 -10.35 -3.46 19.85
N ARG A 22 -10.53 -3.68 21.15
CA ARG A 22 -10.41 -2.66 22.18
C ARG A 22 -11.34 -1.48 21.91
N PRO A 23 -12.65 -1.68 22.00
CA PRO A 23 -13.59 -0.59 21.71
C PRO A 23 -13.66 0.40 22.85
N PHE A 24 -13.84 1.68 22.49
CA PHE A 24 -14.10 2.69 23.50
C PHE A 24 -15.43 2.41 24.18
N LEU A 25 -15.42 2.40 25.51
CA LEU A 25 -16.59 2.01 26.30
C LEU A 25 -16.77 3.00 27.43
N CYS A 26 -17.88 3.73 27.42
CA CYS A 26 -18.15 4.70 28.46
C CYS A 26 -18.37 4.01 29.79
N CYS A 27 -18.12 4.75 30.88
CA CYS A 27 -18.12 4.23 32.25
C CYS A 27 -19.32 3.33 32.53
N LYS A 28 -20.51 3.73 32.06
CA LYS A 28 -21.68 2.88 32.25
C LYS A 28 -21.57 1.60 31.45
N CYS A 29 -21.27 1.72 30.15
CA CYS A 29 -21.14 0.54 29.30
C CYS A 29 -19.85 -0.22 29.58
N CYS A 30 -18.77 0.49 29.93
CA CYS A 30 -17.54 -0.20 30.31
C CYS A 30 -17.75 -1.03 31.58
N TYR A 31 -18.64 -0.57 32.47
CA TYR A 31 -18.92 -1.29 33.71
C TYR A 31 -19.83 -2.50 33.45
N ASP A 32 -20.97 -2.28 32.79
CA ASP A 32 -21.91 -3.37 32.54
C ASP A 32 -21.28 -4.47 31.69
N HIS A 33 -20.17 -4.18 31.01
CA HIS A 33 -19.48 -5.21 30.23
C HIS A 33 -18.52 -6.03 31.09
N VAL A 34 -17.77 -5.36 31.97
CA VAL A 34 -16.73 -6.07 32.71
C VAL A 34 -17.33 -6.93 33.84
N ILE A 35 -18.44 -6.52 34.43
CA ILE A 35 -19.03 -7.30 35.52
C ILE A 35 -19.92 -8.42 35.02
N SER A 36 -20.29 -8.41 33.75
CA SER A 36 -21.15 -9.44 33.17
C SER A 36 -20.39 -10.44 32.30
N THR A 37 -19.11 -10.22 32.06
CA THR A 37 -18.31 -11.14 31.26
C THR A 37 -17.01 -11.47 31.97
N SER A 38 -16.11 -12.18 31.27
CA SER A 38 -14.78 -12.43 31.80
C SER A 38 -13.80 -11.32 31.51
N HIS A 39 -14.17 -10.35 30.67
CA HIS A 39 -13.31 -9.23 30.33
C HIS A 39 -13.13 -8.34 31.55
N LYS A 40 -11.91 -8.27 32.08
CA LYS A 40 -11.62 -7.44 33.24
C LYS A 40 -10.55 -6.40 32.99
N LEU A 41 -9.66 -6.60 32.01
CA LEU A 41 -8.63 -5.62 31.72
C LEU A 41 -9.26 -4.38 31.09
N VAL A 42 -8.85 -3.21 31.58
CA VAL A 42 -9.39 -1.93 31.13
C VAL A 42 -8.22 -1.02 30.78
N LEU A 43 -8.32 -0.37 29.62
CA LEU A 43 -7.28 0.54 29.15
C LEU A 43 -7.86 1.94 28.98
N SER A 44 -7.02 2.93 29.24
CA SER A 44 -7.42 4.33 29.13
C SER A 44 -6.36 5.12 28.38
N VAL A 45 -5.68 6.03 29.08
CA VAL A 45 -4.41 6.56 28.61
C VAL A 45 -3.26 5.66 29.04
N ASN A 46 -3.38 5.08 30.23
CA ASN A 46 -2.49 4.04 30.74
C ASN A 46 -3.32 2.78 30.94
N PRO A 47 -2.71 1.62 31.13
CA PRO A 47 -3.49 0.42 31.46
C PRO A 47 -3.80 0.34 32.94
N TYR A 48 -5.06 -0.01 33.26
CA TYR A 48 -5.49 -0.20 34.64
C TYR A 48 -4.93 -1.53 35.13
N VAL A 49 -3.69 -1.47 35.59
CA VAL A 49 -3.00 -2.64 36.15
C VAL A 49 -2.16 -2.17 37.33
N CYS A 50 -2.04 -3.02 38.35
CA CYS A 50 -1.32 -2.68 39.58
C CYS A 50 0.13 -2.31 39.28
N ASN A 51 0.46 -1.04 39.53
CA ASN A 51 1.78 -0.48 39.32
C ASN A 51 2.75 -0.77 40.47
N ALA A 52 2.56 -1.91 41.18
CA ALA A 52 3.41 -2.30 42.28
C ALA A 52 4.40 -3.37 41.82
N PRO A 53 5.59 -3.41 42.43
CA PRO A 53 6.62 -4.37 41.99
C PRO A 53 6.20 -5.80 42.29
N GLY A 54 6.10 -6.62 41.24
CA GLY A 54 5.85 -8.04 41.38
C GLY A 54 4.40 -8.45 41.45
N CYS A 55 3.46 -7.52 41.34
CA CYS A 55 2.04 -7.84 41.45
C CYS A 55 1.45 -8.08 40.07
N ASP A 56 0.48 -9.00 40.00
CA ASP A 56 -0.10 -9.44 38.73
C ASP A 56 -1.60 -9.19 38.67
N VAL A 57 -2.12 -8.23 39.42
CA VAL A 57 -3.55 -7.96 39.44
C VAL A 57 -3.91 -7.10 38.23
N THR A 58 -4.76 -7.63 37.36
CA THR A 58 -5.25 -6.91 36.19
C THR A 58 -6.74 -6.64 36.22
N ASP A 59 -7.49 -7.40 37.02
CA ASP A 59 -8.93 -7.18 37.12
C ASP A 59 -9.22 -5.80 37.69
N VAL A 60 -10.04 -5.02 36.97
CA VAL A 60 -10.32 -3.66 37.39
C VAL A 60 -11.23 -3.61 38.60
N THR A 61 -11.97 -4.68 38.88
CA THR A 61 -12.79 -4.73 40.09
C THR A 61 -11.93 -4.86 41.35
N GLN A 62 -10.68 -5.28 41.21
CA GLN A 62 -9.76 -5.44 42.33
C GLN A 62 -8.66 -4.39 42.34
N LEU A 63 -8.92 -3.22 41.73
CA LEU A 63 -7.91 -2.18 41.60
C LEU A 63 -8.45 -0.86 42.12
N TYR A 64 -7.57 -0.11 42.79
CA TYR A 64 -7.92 1.17 43.39
C TYR A 64 -6.93 2.23 42.90
N LEU A 65 -7.42 3.45 42.71
CA LEU A 65 -6.59 4.57 42.25
C LEU A 65 -6.10 5.35 43.47
N GLY A 66 -4.82 5.19 43.80
CA GLY A 66 -4.21 5.95 44.88
C GLY A 66 -3.09 6.84 44.37
N GLY A 67 -3.28 8.15 44.51
CA GLY A 67 -2.36 9.10 43.91
C GLY A 67 -2.66 9.29 42.44
N MET A 68 -1.70 8.95 41.57
CA MET A 68 -1.95 8.89 40.13
C MET A 68 -1.51 7.55 39.54
N SER A 69 -1.43 6.51 40.37
CA SER A 69 -1.06 5.18 39.93
C SER A 69 -2.03 4.17 40.54
N TYR A 70 -2.27 3.08 39.81
CA TYR A 70 -3.30 2.12 40.18
C TYR A 70 -2.70 0.95 40.95
N TYR A 71 -3.36 0.55 42.03
CA TYR A 71 -2.89 -0.56 42.84
C TYR A 71 -4.06 -1.46 43.22
N CYS A 72 -3.75 -2.62 43.78
CA CYS A 72 -4.74 -3.60 44.18
C CYS A 72 -5.00 -3.47 45.68
N LYS A 73 -5.66 -4.47 46.27
CA LYS A 73 -6.02 -4.40 47.68
C LYS A 73 -4.79 -4.52 48.58
N SER A 74 -3.80 -5.30 48.16
CA SER A 74 -2.59 -5.53 48.96
C SER A 74 -1.53 -4.46 48.75
N HIS A 75 -1.63 -3.67 47.69
CA HIS A 75 -0.62 -2.67 47.36
C HIS A 75 -1.17 -1.24 47.32
N LYS A 76 -2.40 -1.03 47.78
CA LYS A 76 -2.97 0.30 47.70
C LYS A 76 -2.51 1.18 48.86
N PRO A 77 -2.45 2.48 48.67
CA PRO A 77 -2.12 3.41 49.76
C PRO A 77 -3.32 3.60 50.67
N PRO A 78 -3.16 4.29 51.79
CA PRO A 78 -4.33 4.59 52.64
C PRO A 78 -5.36 5.46 51.95
N ILE A 79 -4.92 6.39 51.10
CA ILE A 79 -5.82 7.28 50.37
C ILE A 79 -6.02 6.67 48.99
N SER A 80 -7.15 6.01 48.78
CA SER A 80 -7.47 5.39 47.52
C SER A 80 -8.99 5.27 47.39
N PHE A 81 -9.46 5.36 46.14
CA PHE A 81 -10.86 5.10 45.83
C PHE A 81 -10.93 4.14 44.65
N PRO A 82 -11.87 3.21 44.66
CA PRO A 82 -11.87 2.13 43.66
C PRO A 82 -12.10 2.66 42.25
N LEU A 83 -11.46 1.97 41.29
CA LEU A 83 -11.64 2.30 39.89
C LEU A 83 -12.97 1.81 39.34
N CYS A 84 -13.63 0.88 40.02
CA CYS A 84 -14.80 0.18 39.46
C CYS A 84 -15.86 0.04 40.55
N ALA A 85 -16.73 1.05 40.64
CA ALA A 85 -17.83 1.04 41.59
C ALA A 85 -18.84 2.11 41.17
N ASN A 86 -20.01 2.07 41.78
CA ASN A 86 -21.11 2.98 41.45
C ASN A 86 -21.57 2.79 40.01
N GLY A 87 -21.51 1.55 39.52
CA GLY A 87 -21.91 1.24 38.17
C GLY A 87 -21.10 1.92 37.10
N GLN A 88 -19.90 2.41 37.43
CA GLN A 88 -19.04 3.09 36.48
C GLN A 88 -17.59 2.73 36.75
N VAL A 89 -16.81 2.58 35.68
CA VAL A 89 -15.37 2.41 35.77
C VAL A 89 -14.73 3.78 35.60
N PHE A 90 -13.77 4.10 36.46
CA PHE A 90 -13.23 5.46 36.49
C PHE A 90 -12.51 5.80 35.19
N GLY A 91 -12.70 7.04 34.73
CA GLY A 91 -12.09 7.52 33.51
C GLY A 91 -12.65 8.89 33.19
N LEU A 92 -12.03 9.53 32.19
CA LEU A 92 -12.45 10.89 31.84
C LEU A 92 -13.90 10.93 31.38
N TYR A 93 -14.53 12.08 31.60
CA TYR A 93 -15.91 12.35 31.15
C TYR A 93 -16.91 11.44 31.87
N LYS A 94 -16.85 11.46 33.19
CA LYS A 94 -17.76 10.65 34.01
C LYS A 94 -19.17 11.24 34.09
N ASN A 95 -19.32 12.54 33.82
CA ASN A 95 -20.65 13.13 33.85
C ASN A 95 -21.43 12.88 32.57
N THR A 96 -20.74 12.80 31.44
CA THR A 96 -21.36 12.45 30.16
C THR A 96 -21.28 10.94 30.02
N CYS A 97 -22.35 10.26 30.42
CA CYS A 97 -22.38 8.80 30.44
C CYS A 97 -23.84 8.37 30.51
N VAL A 98 -24.31 7.70 29.46
CA VAL A 98 -25.72 7.39 29.30
C VAL A 98 -26.02 5.99 29.80
N GLY A 99 -25.61 4.98 29.03
CA GLY A 99 -25.93 3.60 29.34
C GLY A 99 -27.01 3.04 28.42
N SER A 100 -26.99 1.72 28.27
CA SER A 100 -27.89 1.03 27.37
C SER A 100 -28.91 0.21 28.16
N ASP A 101 -30.04 -0.07 27.52
CA ASP A 101 -31.04 -0.94 28.13
C ASP A 101 -30.51 -2.35 28.30
N ASN A 102 -29.72 -2.82 27.34
CA ASN A 102 -29.14 -4.16 27.42
C ASN A 102 -27.81 -4.18 26.66
N VAL A 103 -26.74 -4.47 27.38
CA VAL A 103 -25.44 -4.69 26.75
C VAL A 103 -25.27 -6.13 26.28
N THR A 104 -26.25 -6.98 26.56
CA THR A 104 -26.11 -8.42 26.31
C THR A 104 -25.75 -8.72 24.85
N ASP A 105 -26.26 -7.92 23.92
CA ASP A 105 -25.90 -8.10 22.52
C ASP A 105 -24.41 -7.84 22.29
N PHE A 106 -23.91 -6.73 22.85
CA PHE A 106 -22.50 -6.38 22.69
C PHE A 106 -21.59 -7.39 23.39
N ASN A 107 -22.08 -8.06 24.43
CA ASN A 107 -21.26 -9.04 25.12
C ASN A 107 -21.03 -10.29 24.27
N ALA A 108 -22.10 -10.85 23.71
CA ALA A 108 -21.98 -12.07 22.93
C ALA A 108 -21.14 -11.86 21.68
N ILE A 109 -21.11 -10.64 21.16
CA ILE A 109 -20.26 -10.35 20.01
C ILE A 109 -18.79 -10.46 20.37
N ALA A 110 -18.41 -9.90 21.52
CA ALA A 110 -17.02 -9.86 21.92
C ALA A 110 -16.52 -11.18 22.51
N THR A 111 -17.42 -12.03 22.99
CA THR A 111 -17.02 -13.27 23.64
C THR A 111 -17.13 -14.49 22.74
N CYS A 112 -17.86 -14.40 21.64
CA CYS A 112 -18.07 -15.58 20.79
C CYS A 112 -16.81 -15.92 20.03
N ASP A 113 -16.64 -17.21 19.76
CA ASP A 113 -15.52 -17.73 18.99
C ASP A 113 -15.77 -17.73 17.49
N TRP A 114 -16.96 -17.30 17.06
CA TRP A 114 -17.34 -17.20 15.64
C TRP A 114 -17.37 -18.55 14.95
N THR A 115 -17.50 -19.64 15.71
CA THR A 115 -17.60 -20.97 15.13
C THR A 115 -19.04 -21.43 14.93
N ASN A 116 -20.01 -20.62 15.34
CA ASN A 116 -21.43 -20.96 15.23
C ASN A 116 -22.11 -20.00 14.29
N ALA A 117 -23.20 -20.49 13.66
CA ALA A 117 -23.97 -19.64 12.75
C ALA A 117 -24.69 -18.54 13.50
N GLY A 118 -25.12 -18.80 14.74
CA GLY A 118 -25.80 -17.78 15.53
C GLY A 118 -24.95 -16.58 15.85
N ASP A 119 -23.62 -16.73 15.79
CA ASP A 119 -22.73 -15.58 15.99
C ASP A 119 -22.81 -14.62 14.82
N TYR A 120 -22.96 -15.14 13.60
CA TYR A 120 -23.05 -14.29 12.42
C TYR A 120 -24.44 -13.70 12.25
N ILE A 121 -25.47 -14.40 12.74
CA ILE A 121 -26.81 -13.85 12.72
C ILE A 121 -26.89 -12.59 13.59
N LEU A 122 -26.46 -12.70 14.85
CA LEU A 122 -26.47 -11.54 15.74
C LEU A 122 -25.58 -10.42 15.21
N ALA A 123 -24.49 -10.77 14.53
CA ALA A 123 -23.61 -9.76 13.96
C ALA A 123 -24.26 -8.98 12.83
N ASN A 124 -25.39 -9.48 12.31
CA ASN A 124 -26.08 -8.82 11.20
C ASN A 124 -27.40 -8.18 11.60
N THR A 125 -27.96 -8.55 12.76
CA THR A 125 -29.22 -7.98 13.22
C THR A 125 -29.05 -6.88 14.26
N CYS A 126 -27.88 -6.81 14.90
CA CYS A 126 -27.63 -5.84 15.95
C CYS A 126 -27.65 -4.42 15.38
N THR A 127 -27.52 -3.45 16.30
CA THR A 127 -27.49 -2.05 15.89
C THR A 127 -26.32 -1.81 14.94
N GLU A 128 -26.42 -0.74 14.15
CA GLU A 128 -25.48 -0.51 13.06
C GLU A 128 -24.05 -0.35 13.59
N ARG A 129 -23.90 0.33 14.73
CA ARG A 129 -22.56 0.49 15.30
C ARG A 129 -21.99 -0.85 15.78
N LEU A 130 -22.86 -1.79 16.13
CA LEU A 130 -22.38 -3.12 16.51
C LEU A 130 -22.09 -3.99 15.29
N LYS A 131 -22.76 -3.72 14.17
CA LYS A 131 -22.39 -4.40 12.92
C LYS A 131 -20.96 -4.07 12.53
N LEU A 132 -20.53 -2.83 12.75
CA LEU A 132 -19.15 -2.46 12.45
C LEU A 132 -18.18 -3.11 13.44
N PHE A 133 -18.52 -3.07 14.73
CA PHE A 133 -17.65 -3.68 15.74
C PHE A 133 -17.56 -5.19 15.54
N ALA A 134 -18.68 -5.84 15.22
CA ALA A 134 -18.65 -7.28 15.01
C ALA A 134 -17.85 -7.65 13.77
N ALA A 135 -17.84 -6.79 12.75
CA ALA A 135 -17.07 -7.06 11.55
C ALA A 135 -15.58 -7.08 11.84
N GLU A 136 -15.10 -6.09 12.61
CA GLU A 136 -13.69 -6.08 13.01
C GLU A 136 -13.37 -7.29 13.88
N THR A 137 -14.19 -7.51 14.92
CA THR A 137 -13.95 -8.63 15.84
C THR A 137 -13.91 -9.96 15.11
N LEU A 138 -14.82 -10.15 14.15
CA LEU A 138 -14.82 -11.37 13.36
C LEU A 138 -13.59 -11.46 12.47
N LYS A 139 -13.23 -10.35 11.80
CA LYS A 139 -12.13 -10.40 10.85
C LYS A 139 -10.78 -10.44 11.57
N ALA A 140 -10.65 -9.70 12.67
CA ALA A 140 -9.43 -9.78 13.47
C ALA A 140 -9.28 -11.18 14.08
N THR A 141 -10.39 -11.84 14.40
CA THR A 141 -10.32 -13.22 14.86
C THR A 141 -9.87 -14.15 13.74
N GLU A 142 -10.37 -13.93 12.51
CA GLU A 142 -10.00 -14.78 11.39
C GLU A 142 -8.54 -14.57 10.97
N GLU A 143 -8.04 -13.33 11.06
CA GLU A 143 -6.64 -13.09 10.75
C GLU A 143 -5.71 -13.65 11.82
N THR A 144 -6.22 -13.88 13.03
CA THR A 144 -5.40 -14.46 14.09
C THR A 144 -5.45 -15.99 14.10
N PHE A 145 -6.58 -16.58 13.69
CA PHE A 145 -6.68 -18.03 13.65
C PHE A 145 -5.72 -18.64 12.64
N LYS A 146 -5.32 -17.88 11.61
CA LYS A 146 -4.36 -18.39 10.64
C LYS A 146 -2.96 -18.49 11.23
N LEU A 147 -2.66 -17.75 12.30
CA LEU A 147 -1.40 -17.93 13.01
C LEU A 147 -1.40 -19.22 13.83
N SER A 148 -2.57 -19.75 14.17
CA SER A 148 -2.66 -21.02 14.87
C SER A 148 -2.21 -22.19 14.00
N TYR A 149 -2.16 -22.01 12.69
CA TYR A 149 -1.75 -23.08 11.78
C TYR A 149 -0.24 -23.14 11.67
N GLY A 150 0.29 -24.35 11.54
CA GLY A 150 1.72 -24.56 11.52
C GLY A 150 2.37 -24.12 10.22
N ILE A 151 3.70 -24.12 10.24
CA ILE A 151 4.50 -23.75 9.09
C ILE A 151 4.85 -24.99 8.28
N ALA A 152 4.63 -24.92 6.97
CA ALA A 152 5.02 -25.98 6.05
C ALA A 152 6.36 -25.65 5.42
N THR A 153 7.24 -26.64 5.35
CA THR A 153 8.59 -26.45 4.83
C THR A 153 8.87 -27.47 3.74
N VAL A 154 9.62 -27.06 2.72
CA VAL A 154 9.97 -27.95 1.62
C VAL A 154 11.00 -28.96 2.13
N ARG A 155 10.57 -30.21 2.29
CA ARG A 155 11.51 -31.26 2.68
C ARG A 155 12.19 -31.86 1.46
N GLU A 156 11.54 -31.80 0.30
CA GLU A 156 12.08 -32.37 -0.92
C GLU A 156 11.32 -31.79 -2.10
N VAL A 157 12.04 -31.59 -3.20
CA VAL A 157 11.43 -31.11 -4.44
C VAL A 157 11.33 -32.28 -5.40
N LEU A 158 10.28 -33.10 -5.25
CA LEU A 158 10.16 -34.32 -6.03
C LEU A 158 10.27 -34.05 -7.52
N SER A 159 9.67 -32.94 -7.98
CA SER A 159 9.76 -32.54 -9.38
C SER A 159 9.32 -31.08 -9.48
N ASP A 160 8.74 -30.71 -10.61
CA ASP A 160 8.00 -29.47 -10.70
C ASP A 160 6.55 -29.74 -10.34
N ARG A 161 5.86 -28.68 -9.88
CA ARG A 161 4.43 -28.71 -9.60
C ARG A 161 4.06 -29.63 -8.44
N GLU A 162 5.00 -30.41 -7.93
CA GLU A 162 4.74 -31.31 -6.81
C GLU A 162 5.87 -31.23 -5.81
N LEU A 163 5.53 -31.30 -4.52
CA LEU A 163 6.49 -31.09 -3.44
C LEU A 163 6.27 -32.12 -2.33
N HIS A 164 7.27 -32.21 -1.46
CA HIS A 164 7.24 -33.06 -0.27
C HIS A 164 7.39 -32.14 0.93
N LEU A 165 6.33 -31.99 1.71
CA LEU A 165 6.27 -30.96 2.74
C LEU A 165 6.57 -31.53 4.13
N SER A 166 7.22 -30.70 4.94
CA SER A 166 7.44 -30.97 6.36
C SER A 166 6.67 -29.92 7.17
N TRP A 167 5.87 -30.38 8.12
CA TRP A 167 4.97 -29.52 8.85
C TRP A 167 5.42 -29.35 10.30
N GLU A 168 5.04 -28.22 10.88
CA GLU A 168 5.39 -27.90 12.26
C GLU A 168 4.73 -28.87 13.22
N VAL A 169 5.25 -28.91 14.46
CA VAL A 169 4.74 -29.78 15.50
C VAL A 169 3.98 -28.95 16.53
N GLY A 170 3.08 -29.60 17.24
CA GLY A 170 2.26 -28.92 18.23
C GLY A 170 1.05 -28.21 17.69
N LYS A 171 1.23 -27.40 16.62
CA LYS A 171 0.14 -26.67 15.98
C LYS A 171 -0.51 -27.52 14.89
N PRO A 172 -1.78 -27.29 14.60
CA PRO A 172 -2.44 -28.03 13.52
C PRO A 172 -2.01 -27.52 12.14
N ARG A 173 -2.47 -28.22 11.11
CA ARG A 173 -2.17 -27.89 9.73
C ARG A 173 -3.42 -27.39 9.02
N PRO A 174 -3.30 -26.35 8.19
CA PRO A 174 -4.47 -25.84 7.47
C PRO A 174 -4.86 -26.75 6.33
N PRO A 175 -6.13 -26.81 5.97
CA PRO A 175 -6.55 -27.59 4.80
C PRO A 175 -5.91 -27.06 3.53
N LEU A 176 -5.82 -27.95 2.53
CA LEU A 176 -5.13 -27.66 1.28
C LEU A 176 -6.17 -27.48 0.18
N ASN A 177 -6.69 -26.25 0.08
CA ASN A 177 -7.62 -25.91 -0.99
C ASN A 177 -7.40 -24.45 -1.37
N ARG A 178 -8.11 -24.01 -2.42
CA ARG A 178 -7.94 -22.65 -2.91
C ARG A 178 -8.42 -21.61 -1.91
N ASN A 179 -9.19 -22.01 -0.90
CA ASN A 179 -9.62 -21.06 0.12
C ASN A 179 -8.49 -20.65 1.04
N TYR A 180 -7.37 -21.38 1.04
CA TYR A 180 -6.20 -21.06 1.84
C TYR A 180 -5.03 -20.80 0.89
N VAL A 181 -4.50 -19.57 0.94
CA VAL A 181 -3.51 -19.09 -0.02
C VAL A 181 -2.22 -18.84 0.76
N PHE A 182 -1.26 -19.75 0.64
CA PHE A 182 0.01 -19.62 1.33
C PHE A 182 0.88 -18.55 0.66
N THR A 183 1.94 -18.17 1.36
CA THR A 183 2.97 -17.29 0.83
C THR A 183 4.33 -17.88 1.18
N GLY A 184 5.23 -17.91 0.20
CA GLY A 184 6.51 -18.54 0.38
C GLY A 184 7.60 -17.58 0.82
N TYR A 185 8.72 -18.15 1.23
CA TYR A 185 9.88 -17.38 1.65
C TYR A 185 11.15 -18.17 1.34
N ARG A 186 12.25 -17.43 1.20
CA ARG A 186 13.58 -18.01 1.10
C ARG A 186 14.40 -17.60 2.31
N VAL A 187 15.20 -18.53 2.82
CA VAL A 187 15.98 -18.30 4.04
C VAL A 187 17.19 -17.45 3.65
N THR A 188 17.08 -16.13 3.84
CA THR A 188 18.14 -15.21 3.47
C THR A 188 19.18 -15.16 4.60
N LYS A 189 20.06 -14.16 4.53
CA LYS A 189 21.17 -14.03 5.47
C LYS A 189 20.67 -13.85 6.90
N ASN A 190 20.08 -12.69 7.19
CA ASN A 190 19.56 -12.38 8.52
C ASN A 190 18.08 -12.68 8.67
N SER A 191 17.27 -12.41 7.65
CA SER A 191 15.83 -12.59 7.77
C SER A 191 15.26 -13.39 6.61
N LYS A 192 14.13 -12.95 6.07
CA LYS A 192 13.45 -13.66 5.00
C LYS A 192 12.88 -12.66 4.00
N VAL A 193 12.60 -13.15 2.79
CA VAL A 193 12.02 -12.34 1.73
C VAL A 193 10.95 -13.16 1.03
N GLN A 194 9.89 -12.48 0.59
CA GLN A 194 8.78 -13.15 -0.06
C GLN A 194 9.19 -13.69 -1.44
N ILE A 195 8.43 -14.67 -1.91
CA ILE A 195 8.71 -15.32 -3.18
C ILE A 195 7.39 -15.77 -3.80
N GLY A 196 6.36 -14.94 -3.67
CA GLY A 196 5.07 -15.20 -4.28
C GLY A 196 4.16 -16.02 -3.38
N GLU A 197 2.89 -16.09 -3.80
CA GLU A 197 1.87 -16.83 -3.08
C GLU A 197 1.63 -18.18 -3.73
N TYR A 198 1.21 -19.15 -2.92
CA TYR A 198 1.05 -20.53 -3.36
C TYR A 198 -0.21 -21.14 -2.79
N THR A 199 -0.76 -22.13 -3.51
CA THR A 199 -1.87 -22.94 -3.05
C THR A 199 -1.54 -24.40 -3.27
N PHE A 200 -2.05 -25.26 -2.39
CA PHE A 200 -1.62 -26.65 -2.35
C PHE A 200 -2.82 -27.60 -2.35
N GLU A 201 -2.55 -28.85 -2.68
CA GLU A 201 -3.56 -29.90 -2.72
C GLU A 201 -2.86 -31.25 -2.66
N LYS A 202 -3.60 -32.27 -2.23
CA LYS A 202 -3.04 -33.60 -2.05
C LYS A 202 -2.54 -34.17 -3.37
N GLY A 203 -1.51 -35.00 -3.29
CA GLY A 203 -0.94 -35.64 -4.46
C GLY A 203 -1.58 -36.96 -4.81
N ALA A 208 3.36 -36.21 -0.02
CA ALA A 208 3.56 -35.38 -1.21
C ALA A 208 2.31 -34.55 -1.51
N VAL A 209 2.52 -33.31 -1.95
CA VAL A 209 1.43 -32.40 -2.26
C VAL A 209 1.70 -31.71 -3.59
N VAL A 210 0.62 -31.31 -4.26
CA VAL A 210 0.68 -30.52 -5.48
C VAL A 210 0.61 -29.05 -5.10
N TYR A 211 1.17 -28.18 -5.94
CA TYR A 211 1.12 -26.76 -5.68
C TYR A 211 0.79 -26.00 -6.97
N ARG A 212 0.35 -24.76 -6.80
CA ARG A 212 0.11 -23.84 -7.90
C ARG A 212 0.58 -22.45 -7.46
N GLY A 213 1.63 -21.95 -8.10
CA GLY A 213 2.28 -20.72 -7.66
C GLY A 213 1.79 -19.50 -8.43
N THR A 214 1.62 -18.40 -7.68
CA THR A 214 1.27 -17.12 -8.31
C THR A 214 2.38 -16.65 -9.24
N THR A 215 3.62 -17.03 -8.96
CA THR A 215 4.75 -16.80 -9.85
C THR A 215 5.54 -18.09 -9.97
N THR A 216 6.30 -18.20 -11.06
CA THR A 216 7.10 -19.38 -11.33
C THR A 216 8.50 -19.20 -10.79
N TYR A 217 9.06 -20.28 -10.23
CA TYR A 217 10.36 -20.22 -9.57
C TYR A 217 11.01 -21.59 -9.63
N LYS A 218 12.29 -21.62 -9.28
CA LYS A 218 13.01 -22.86 -9.03
C LYS A 218 13.18 -23.06 -7.53
N LEU A 219 12.05 -23.07 -6.83
CA LEU A 219 12.05 -23.16 -5.38
C LEU A 219 12.72 -24.44 -4.92
N ASN A 220 13.37 -24.37 -3.75
CA ASN A 220 14.30 -25.40 -3.31
C ASN A 220 13.94 -25.84 -1.89
N VAL A 221 14.78 -26.73 -1.35
CA VAL A 221 14.61 -27.20 0.01
C VAL A 221 14.94 -26.08 0.98
N GLY A 222 14.21 -26.03 2.11
CA GLY A 222 14.36 -24.99 3.09
C GLY A 222 13.34 -23.89 2.98
N ASP A 223 12.74 -23.71 1.81
CA ASP A 223 11.68 -22.72 1.64
C ASP A 223 10.44 -23.15 2.42
N TYR A 224 9.76 -22.18 3.02
CA TYR A 224 8.60 -22.45 3.87
C TYR A 224 7.44 -21.56 3.45
N PHE A 225 6.24 -21.95 3.90
CA PHE A 225 5.00 -21.29 3.50
C PHE A 225 4.14 -20.98 4.73
N VAL A 226 3.61 -19.77 4.78
CA VAL A 226 2.74 -19.33 5.86
C VAL A 226 1.55 -18.59 5.26
N LEU A 227 0.38 -18.78 5.86
CA LEU A 227 -0.82 -18.03 5.48
C LEU A 227 -0.66 -16.58 5.92
N THR A 228 -0.40 -15.68 4.97
CA THR A 228 -0.14 -14.28 5.30
C THR A 228 -1.40 -13.63 5.88
N SER A 229 -1.29 -13.11 7.10
CA SER A 229 -2.37 -12.41 7.76
C SER A 229 -2.02 -10.93 7.86
N HIS A 230 -2.93 -10.08 7.43
CA HIS A 230 -2.72 -8.64 7.40
C HIS A 230 -3.49 -7.96 8.52
N THR A 231 -3.38 -6.63 8.55
CA THR A 231 -4.03 -5.85 9.59
C THR A 231 -5.54 -5.78 9.36
N VAL A 232 -6.27 -5.47 10.43
CA VAL A 232 -7.71 -5.25 10.37
C VAL A 232 -7.95 -3.84 10.90
N MET A 233 -7.88 -2.86 10.00
CA MET A 233 -8.06 -1.47 10.39
C MET A 233 -9.49 -1.23 10.88
N PRO A 234 -9.68 -0.29 11.82
CA PRO A 234 -11.01 -0.05 12.36
C PRO A 234 -11.96 0.51 11.31
N LEU A 235 -13.25 0.33 11.56
CA LEU A 235 -14.31 0.75 10.66
C LEU A 235 -14.99 2.00 11.19
N SER A 236 -15.13 3.00 10.33
CA SER A 236 -15.80 4.25 10.69
C SER A 236 -17.19 4.34 10.05
N ALA A 237 -17.25 4.26 8.73
CA ALA A 237 -18.51 4.42 8.01
C ALA A 237 -19.41 3.20 8.22
N PRO A 238 -20.73 3.37 8.10
CA PRO A 238 -21.64 2.24 8.27
C PRO A 238 -21.70 1.38 7.02
N THR A 239 -22.32 0.20 7.18
CA THR A 239 -22.44 -0.70 6.05
C THR A 239 -23.36 -0.14 4.97
N LEU A 240 -24.38 0.62 5.37
CA LEU A 240 -25.34 1.22 4.46
C LEU A 240 -25.57 2.67 4.87
N VAL A 241 -25.52 3.57 3.88
CA VAL A 241 -25.84 4.98 4.09
C VAL A 241 -27.34 5.08 4.32
N PRO A 242 -27.84 6.16 4.90
CA PRO A 242 -29.30 6.32 5.01
C PRO A 242 -29.94 6.37 3.63
N GLN A 243 -30.98 5.55 3.46
CA GLN A 243 -31.69 5.51 2.18
C GLN A 243 -32.47 6.79 1.95
N GLU A 244 -32.41 7.29 0.71
CA GLU A 244 -33.14 8.50 0.30
C GLU A 244 -33.79 8.23 -1.05
N HIS A 245 -35.12 8.18 -1.06
CA HIS A 245 -35.88 8.08 -2.30
C HIS A 245 -36.19 9.47 -2.85
N TYR A 246 -36.20 9.58 -4.17
CA TYR A 246 -36.27 10.86 -4.88
C TYR A 246 -37.47 10.90 -5.81
N VAL A 247 -37.77 12.09 -6.33
CA VAL A 247 -38.97 12.29 -7.13
C VAL A 247 -38.52 12.46 -8.58
N ARG A 248 -37.28 12.90 -8.74
CA ARG A 248 -36.62 13.06 -10.03
C ARG A 248 -35.28 12.35 -9.99
N ILE A 249 -34.67 12.21 -11.16
CA ILE A 249 -33.30 11.70 -11.23
C ILE A 249 -32.35 12.77 -10.73
N THR A 250 -31.50 12.41 -9.77
CA THR A 250 -30.69 13.36 -9.03
C THR A 250 -29.23 13.26 -9.45
N GLY A 251 -28.65 14.38 -9.88
CA GLY A 251 -27.22 14.46 -10.12
C GLY A 251 -26.76 13.70 -11.34
N LEU A 252 -27.71 13.16 -12.08
CA LEU A 252 -27.44 12.36 -13.27
C LEU A 252 -28.22 12.91 -14.45
N TYR A 253 -27.74 12.60 -15.66
CA TYR A 253 -28.35 13.11 -16.88
C TYR A 253 -28.44 12.02 -17.93
N PRO A 254 -29.65 11.49 -18.16
CA PRO A 254 -29.80 10.40 -19.13
C PRO A 254 -29.49 10.85 -20.55
N THR A 255 -29.17 9.87 -21.38
CA THR A 255 -28.92 10.11 -22.80
C THR A 255 -30.23 10.07 -23.58
N LEU A 256 -30.27 10.82 -24.68
CA LEU A 256 -31.43 10.81 -25.56
C LEU A 256 -31.39 9.61 -26.51
N ASN A 257 -30.20 9.15 -26.88
CA ASN A 257 -30.02 8.05 -27.83
C ASN A 257 -29.29 6.92 -27.12
N ILE A 258 -29.98 5.80 -26.95
CA ILE A 258 -29.39 4.58 -26.39
C ILE A 258 -29.58 3.46 -27.40
N SER A 259 -28.69 2.47 -27.34
CA SER A 259 -28.78 1.35 -28.26
C SER A 259 -29.79 0.34 -27.77
N ASP A 260 -30.29 -0.49 -28.70
CA ASP A 260 -31.24 -1.53 -28.35
C ASP A 260 -30.61 -2.66 -27.54
N GLU A 261 -29.30 -2.61 -27.30
CA GLU A 261 -28.67 -3.62 -26.44
C GLU A 261 -29.05 -3.42 -24.98
N PHE A 262 -29.10 -2.16 -24.54
CA PHE A 262 -29.36 -1.81 -23.15
C PHE A 262 -30.72 -1.15 -22.96
N SER A 263 -31.66 -1.35 -23.88
CA SER A 263 -32.93 -0.63 -23.81
C SER A 263 -33.82 -1.20 -22.72
N SER A 264 -33.77 -2.52 -22.50
CA SER A 264 -34.59 -3.14 -21.47
C SER A 264 -34.17 -2.77 -20.05
N ASN A 265 -33.10 -1.98 -19.89
CA ASN A 265 -32.65 -1.52 -18.58
C ASN A 265 -32.94 -0.05 -18.31
N VAL A 266 -33.50 0.68 -19.27
CA VAL A 266 -33.69 2.12 -19.13
C VAL A 266 -34.54 2.44 -17.90
N ALA A 267 -35.55 1.60 -17.63
CA ALA A 267 -36.37 1.82 -16.45
C ALA A 267 -35.56 1.67 -15.17
N ASN A 268 -34.69 0.66 -15.10
CA ASN A 268 -33.88 0.47 -13.90
C ASN A 268 -32.75 1.49 -13.81
N TYR A 269 -32.21 1.93 -14.94
CA TYR A 269 -31.20 2.98 -14.91
C TYR A 269 -31.77 4.28 -14.35
N GLN A 270 -33.05 4.55 -14.62
CA GLN A 270 -33.71 5.69 -14.00
C GLN A 270 -34.00 5.41 -12.52
N LYS A 271 -34.35 4.16 -12.20
CA LYS A 271 -34.56 3.78 -10.81
C LYS A 271 -33.30 4.02 -9.98
N VAL A 272 -32.12 3.81 -10.58
CA VAL A 272 -30.87 4.09 -9.89
C VAL A 272 -30.74 5.57 -9.57
N GLY A 273 -31.26 6.44 -10.44
CA GLY A 273 -31.17 7.86 -10.21
C GLY A 273 -32.20 8.43 -9.27
N MET A 274 -33.17 7.62 -8.83
CA MET A 274 -34.24 8.07 -7.95
C MET A 274 -34.13 7.48 -6.55
N GLN A 275 -32.94 6.98 -6.20
CA GLN A 275 -32.67 6.43 -4.87
C GLN A 275 -31.23 6.75 -4.50
N LYS A 276 -30.98 6.93 -3.20
CA LYS A 276 -29.62 7.07 -2.72
C LYS A 276 -28.82 5.80 -2.99
N TYR A 277 -29.46 4.65 -2.89
CA TYR A 277 -28.84 3.39 -3.26
C TYR A 277 -29.93 2.41 -3.65
N SER A 278 -29.60 1.51 -4.58
CA SER A 278 -30.52 0.48 -5.03
C SER A 278 -29.79 -0.86 -5.06
N THR A 279 -30.58 -1.93 -5.04
CA THR A 279 -30.06 -3.30 -5.06
C THR A 279 -30.56 -4.01 -6.30
N LEU A 280 -29.69 -4.78 -6.94
CA LEU A 280 -30.02 -5.49 -8.17
C LEU A 280 -29.68 -6.96 -8.01
N GLN A 281 -30.70 -7.81 -7.95
CA GLN A 281 -30.48 -9.24 -7.94
C GLN A 281 -30.33 -9.74 -9.37
N GLY A 282 -29.28 -10.50 -9.64
CA GLY A 282 -29.02 -11.03 -10.95
C GLY A 282 -28.69 -12.51 -10.93
N PRO A 283 -29.68 -13.35 -11.21
CA PRO A 283 -29.44 -14.80 -11.30
C PRO A 283 -28.46 -15.11 -12.42
N PRO A 284 -27.98 -16.35 -12.50
CA PRO A 284 -27.02 -16.70 -13.56
C PRO A 284 -27.60 -16.50 -14.95
N GLY A 285 -26.80 -15.90 -15.82
CA GLY A 285 -27.20 -15.70 -17.21
C GLY A 285 -28.08 -14.50 -17.46
N THR A 286 -28.27 -13.63 -16.47
CA THR A 286 -29.20 -12.52 -16.61
C THR A 286 -28.54 -11.23 -17.09
N GLY A 287 -27.21 -11.15 -17.05
CA GLY A 287 -26.52 -10.00 -17.60
C GLY A 287 -26.22 -8.90 -16.60
N LYS A 288 -25.52 -9.24 -15.52
CA LYS A 288 -25.22 -8.28 -14.47
C LYS A 288 -24.15 -7.30 -14.90
N SER A 289 -23.01 -7.80 -15.41
CA SER A 289 -21.96 -6.92 -15.90
C SER A 289 -22.42 -6.15 -17.13
N HIS A 290 -23.33 -6.72 -17.91
CA HIS A 290 -23.98 -5.98 -18.98
C HIS A 290 -24.73 -4.78 -18.40
N PHE A 291 -25.46 -5.01 -17.30
CA PHE A 291 -26.20 -3.93 -16.64
C PHE A 291 -25.26 -2.84 -16.14
N ALA A 292 -24.17 -3.25 -15.48
CA ALA A 292 -23.29 -2.27 -14.83
C ALA A 292 -22.62 -1.35 -15.85
N ILE A 293 -22.24 -1.89 -17.00
CA ILE A 293 -21.54 -1.08 -17.98
C ILE A 293 -22.51 -0.27 -18.84
N GLY A 294 -23.67 -0.85 -19.16
CA GLY A 294 -24.69 -0.08 -19.87
C GLY A 294 -25.16 1.13 -19.09
N LEU A 295 -25.12 1.06 -17.75
CA LEU A 295 -25.48 2.21 -16.93
C LEU A 295 -24.57 3.40 -17.21
N ALA A 296 -23.34 3.14 -17.63
CA ALA A 296 -22.41 4.24 -17.93
C ALA A 296 -22.83 4.96 -19.20
N LEU A 297 -23.24 4.23 -20.23
CA LEU A 297 -23.68 4.87 -21.47
C LEU A 297 -24.98 5.63 -21.26
N TYR A 298 -25.84 5.16 -20.35
CA TYR A 298 -27.09 5.86 -20.11
C TYR A 298 -26.87 7.19 -19.39
N TYR A 299 -25.86 7.25 -18.51
CA TYR A 299 -25.44 8.49 -17.85
C TYR A 299 -24.02 8.77 -18.32
N PRO A 300 -23.86 9.30 -19.55
CA PRO A 300 -22.52 9.33 -20.16
C PRO A 300 -21.51 10.17 -19.40
N SER A 301 -21.90 11.34 -18.91
CA SER A 301 -20.98 12.24 -18.23
C SER A 301 -20.83 11.93 -16.74
N ALA A 302 -21.31 10.78 -16.28
CA ALA A 302 -21.27 10.42 -14.87
C ALA A 302 -19.97 9.72 -14.53
N ARG A 303 -19.28 10.22 -13.50
CA ARG A 303 -18.08 9.57 -12.99
C ARG A 303 -18.49 8.36 -12.17
N ILE A 304 -18.12 7.17 -12.63
CA ILE A 304 -18.57 5.91 -12.04
C ILE A 304 -17.36 5.12 -11.57
N VAL A 305 -17.45 4.59 -10.35
CA VAL A 305 -16.41 3.74 -9.77
C VAL A 305 -16.98 2.33 -9.67
N TYR A 306 -16.46 1.43 -10.50
CA TYR A 306 -16.82 0.02 -10.46
C TYR A 306 -15.93 -0.70 -9.46
N THR A 307 -16.54 -1.48 -8.57
CA THR A 307 -15.78 -2.07 -7.48
C THR A 307 -16.35 -3.45 -7.12
N ALA A 308 -15.49 -4.27 -6.55
CA ALA A 308 -15.87 -5.58 -6.03
C ALA A 308 -14.78 -6.03 -5.06
N CYS A 309 -14.93 -7.23 -4.51
CA CYS A 309 -13.93 -7.69 -3.55
C CYS A 309 -12.76 -8.40 -4.20
N SER A 310 -13.01 -9.20 -5.22
CA SER A 310 -11.97 -9.98 -5.87
C SER A 310 -11.54 -9.30 -7.16
N HIS A 311 -10.25 -9.40 -7.46
CA HIS A 311 -9.74 -8.85 -8.72
C HIS A 311 -10.41 -9.49 -9.93
N ALA A 312 -10.78 -10.77 -9.82
CA ALA A 312 -11.44 -11.44 -10.93
C ALA A 312 -12.76 -10.75 -11.26
N ALA A 313 -13.55 -10.43 -10.24
CA ALA A 313 -14.81 -9.71 -10.48
C ALA A 313 -14.56 -8.30 -10.96
N VAL A 314 -13.54 -7.63 -10.41
CA VAL A 314 -13.22 -6.28 -10.87
C VAL A 314 -12.68 -6.30 -12.29
N ASP A 315 -12.08 -7.41 -12.72
CA ASP A 315 -11.56 -7.49 -14.08
C ASP A 315 -12.64 -7.84 -15.09
N ALA A 316 -13.66 -8.60 -14.68
CA ALA A 316 -14.77 -8.90 -15.58
C ALA A 316 -15.52 -7.63 -15.98
N LEU A 317 -15.59 -6.65 -15.08
CA LEU A 317 -16.16 -5.36 -15.46
C LEU A 317 -15.26 -4.64 -16.46
N CYS A 318 -13.94 -4.82 -16.34
CA CYS A 318 -13.03 -4.19 -17.27
C CYS A 318 -13.18 -4.76 -18.67
N GLU A 319 -13.45 -6.07 -18.77
CA GLU A 319 -13.66 -6.69 -20.07
C GLU A 319 -14.85 -6.08 -20.79
N LYS A 320 -15.93 -5.80 -20.06
CA LYS A 320 -17.11 -5.22 -20.68
C LYS A 320 -16.91 -3.73 -20.99
N ALA A 321 -16.24 -3.01 -20.08
CA ALA A 321 -15.90 -1.61 -20.37
C ALA A 321 -15.02 -1.52 -21.60
N LEU A 322 -14.13 -2.49 -21.79
CA LEU A 322 -13.35 -2.58 -23.03
C LEU A 322 -14.24 -2.77 -24.25
N LYS A 323 -15.45 -3.27 -24.05
CA LYS A 323 -16.37 -3.59 -25.13
C LYS A 323 -17.38 -2.47 -25.41
N TYR A 324 -17.39 -1.40 -24.62
CA TYR A 324 -18.41 -0.38 -24.75
C TYR A 324 -17.93 1.03 -24.43
N LEU A 325 -16.87 1.16 -23.64
CA LEU A 325 -16.52 2.49 -23.15
C LEU A 325 -15.20 2.98 -23.74
N PRO A 326 -15.01 4.29 -23.84
CA PRO A 326 -13.72 4.81 -24.32
C PRO A 326 -12.58 4.40 -23.38
N ILE A 327 -11.52 3.86 -23.97
CA ILE A 327 -10.42 3.30 -23.17
C ILE A 327 -9.67 4.40 -22.42
N ASP A 328 -9.60 5.61 -22.97
CA ASP A 328 -8.89 6.69 -22.31
C ASP A 328 -9.68 7.29 -21.14
N LYS A 329 -10.92 6.86 -20.94
CA LYS A 329 -11.73 7.28 -19.80
C LYS A 329 -11.77 6.23 -18.70
N CYS A 330 -10.98 5.18 -18.80
CA CYS A 330 -10.95 4.10 -17.82
C CYS A 330 -9.60 4.07 -17.11
N SER A 331 -9.58 3.39 -15.96
CA SER A 331 -8.35 3.23 -15.20
C SER A 331 -8.51 2.05 -14.25
N ARG A 332 -7.46 1.25 -14.16
CA ARG A 332 -7.41 0.10 -13.25
C ARG A 332 -6.52 0.45 -12.07
N ILE A 333 -7.05 0.30 -10.86
CA ILE A 333 -6.33 0.64 -9.63
C ILE A 333 -5.77 -0.65 -9.04
N ILE A 334 -4.44 -0.72 -8.93
CA ILE A 334 -3.77 -1.89 -8.39
C ILE A 334 -2.81 -1.44 -7.30
N PRO A 335 -2.78 -2.09 -6.14
CA PRO A 335 -1.81 -1.73 -5.11
C PRO A 335 -0.47 -2.43 -5.34
N ALA A 336 0.61 -1.69 -5.04
CA ALA A 336 1.96 -2.21 -5.21
C ALA A 336 2.37 -3.05 -4.01
N VAL A 340 -0.68 -10.61 -7.41
CA VAL A 340 -1.31 -11.42 -8.45
C VAL A 340 -1.66 -10.54 -9.65
N GLU A 341 -1.35 -11.02 -10.85
CA GLU A 341 -1.58 -10.23 -12.05
C GLU A 341 -3.07 -10.05 -12.31
N CYS A 342 -3.41 -8.93 -12.93
CA CYS A 342 -4.79 -8.62 -13.26
C CYS A 342 -4.84 -7.82 -14.56
N PHE A 343 -6.06 -7.58 -15.03
CA PHE A 343 -6.35 -6.84 -16.25
C PHE A 343 -5.47 -5.60 -16.39
N ASP A 344 -4.68 -5.56 -17.47
CA ASP A 344 -3.70 -4.49 -17.68
C ASP A 344 -3.88 -3.89 -19.07
N LYS A 345 -5.10 -3.47 -19.41
CA LYS A 345 -5.35 -2.78 -20.66
C LYS A 345 -5.85 -1.36 -20.46
N PHE A 346 -6.02 -0.91 -19.22
CA PHE A 346 -6.30 0.48 -18.90
C PHE A 346 -5.08 1.10 -18.23
N LYS A 347 -5.00 2.43 -18.27
CA LYS A 347 -3.92 3.11 -17.58
C LYS A 347 -4.05 2.87 -16.07
N VAL A 348 -2.94 2.47 -15.45
CA VAL A 348 -2.95 1.96 -14.09
C VAL A 348 -2.84 3.11 -13.10
N ASN A 349 -3.67 3.06 -12.05
CA ASN A 349 -3.61 3.98 -10.91
C ASN A 349 -3.78 5.43 -11.36
N SER A 350 -5.00 5.74 -11.78
CA SER A 350 -5.41 7.11 -12.15
C SER A 350 -6.78 7.33 -11.53
N THR A 351 -6.79 7.94 -10.33
CA THR A 351 -8.03 8.11 -9.59
C THR A 351 -8.96 9.12 -10.26
N LEU A 352 -8.40 10.10 -10.97
CA LEU A 352 -9.19 11.12 -11.64
C LEU A 352 -9.60 10.73 -13.06
N GLU A 353 -9.76 9.43 -13.32
CA GLU A 353 -10.13 8.92 -14.64
C GLU A 353 -11.56 8.41 -14.55
N GLN A 354 -12.49 9.12 -15.21
CA GLN A 354 -13.93 8.93 -15.16
C GLN A 354 -14.39 7.57 -14.65
N TYR A 355 -13.97 6.50 -15.32
CA TYR A 355 -14.33 5.15 -14.92
C TYR A 355 -13.18 4.51 -14.18
N VAL A 356 -13.40 4.19 -12.90
CA VAL A 356 -12.39 3.62 -12.03
C VAL A 356 -12.80 2.20 -11.66
N PHE A 357 -11.88 1.25 -11.85
CA PHE A 357 -12.12 -0.15 -11.55
C PHE A 357 -11.11 -0.58 -10.50
N CYS A 358 -11.62 -0.97 -9.33
CA CYS A 358 -10.74 -1.23 -8.20
C CYS A 358 -11.39 -2.22 -7.24
N THR A 359 -10.55 -2.88 -6.46
CA THR A 359 -11.03 -3.76 -5.39
C THR A 359 -11.32 -2.93 -4.14
N VAL A 360 -12.08 -3.53 -3.21
CA VAL A 360 -12.50 -2.82 -2.02
C VAL A 360 -11.30 -2.45 -1.16
N ASN A 361 -10.46 -3.44 -0.83
CA ASN A 361 -9.33 -3.20 0.06
C ASN A 361 -8.26 -2.30 -0.55
N ALA A 362 -8.33 -2.04 -1.86
CA ALA A 362 -7.42 -1.12 -2.52
C ALA A 362 -8.10 0.19 -2.93
N LEU A 363 -9.29 0.46 -2.41
CA LEU A 363 -10.07 1.60 -2.90
C LEU A 363 -9.43 2.92 -2.47
N PRO A 364 -9.25 3.87 -3.38
CA PRO A 364 -8.83 5.21 -2.98
C PRO A 364 -9.98 5.99 -2.36
N GLU A 365 -9.63 7.09 -1.70
CA GLU A 365 -10.60 7.96 -1.07
C GLU A 365 -10.97 9.06 -2.06
N THR A 366 -12.18 8.98 -2.63
CA THR A 366 -12.60 9.90 -3.67
C THR A 366 -14.13 9.91 -3.73
N THR A 367 -14.65 10.80 -4.57
CA THR A 367 -16.08 10.92 -4.83
C THR A 367 -16.40 10.41 -6.22
N ALA A 368 -17.69 10.17 -6.47
CA ALA A 368 -18.15 9.67 -7.75
C ALA A 368 -19.64 9.94 -7.87
N ASP A 369 -20.12 9.99 -9.11
CA ASP A 369 -21.55 10.16 -9.35
C ASP A 369 -22.31 8.87 -9.07
N ILE A 370 -21.75 7.73 -9.48
CA ILE A 370 -22.34 6.42 -9.21
C ILE A 370 -21.24 5.48 -8.77
N VAL A 371 -21.61 4.50 -7.93
CA VAL A 371 -20.72 3.44 -7.49
C VAL A 371 -21.41 2.10 -7.71
N VAL A 372 -20.70 1.15 -8.32
CA VAL A 372 -21.26 -0.14 -8.69
C VAL A 372 -20.51 -1.21 -7.90
N PHE A 373 -21.14 -1.74 -6.85
CA PHE A 373 -20.59 -2.83 -6.06
C PHE A 373 -21.09 -4.14 -6.64
N ASP A 374 -20.19 -4.92 -7.25
CA ASP A 374 -20.56 -6.11 -7.99
C ASP A 374 -20.36 -7.37 -7.14
N GLU A 375 -21.09 -8.42 -7.51
CA GLU A 375 -21.07 -9.71 -6.84
C GLU A 375 -21.19 -9.54 -5.32
N ILE A 376 -22.38 -9.08 -4.92
CA ILE A 376 -22.57 -8.60 -3.55
C ILE A 376 -22.73 -9.73 -2.53
N SER A 377 -23.08 -10.94 -2.97
CA SER A 377 -23.21 -12.04 -2.03
C SER A 377 -21.85 -12.44 -1.45
N MET A 378 -20.76 -12.19 -2.17
CA MET A 378 -19.42 -12.46 -1.66
C MET A 378 -19.01 -11.45 -0.59
N ALA A 379 -19.59 -10.26 -0.60
CA ALA A 379 -19.13 -9.23 0.31
C ALA A 379 -19.52 -9.56 1.74
N THR A 380 -18.83 -8.90 2.67
CA THR A 380 -19.12 -8.95 4.10
C THR A 380 -19.47 -7.55 4.59
N ASN A 381 -19.95 -7.47 5.84
CA ASN A 381 -20.24 -6.16 6.40
C ASN A 381 -18.98 -5.32 6.57
N TYR A 382 -17.81 -5.95 6.64
CA TYR A 382 -16.56 -5.19 6.68
C TYR A 382 -16.33 -4.49 5.35
N ASP A 383 -16.49 -5.22 4.24
CA ASP A 383 -16.31 -4.61 2.91
C ASP A 383 -17.29 -3.48 2.68
N LEU A 384 -18.54 -3.66 3.08
CA LEU A 384 -19.56 -2.63 2.87
C LEU A 384 -19.19 -1.33 3.56
N SER A 385 -18.65 -1.42 4.79
CA SER A 385 -18.26 -0.23 5.52
C SER A 385 -17.07 0.46 4.87
N VAL A 386 -16.15 -0.30 4.26
CA VAL A 386 -14.98 0.29 3.62
C VAL A 386 -15.39 1.09 2.39
N VAL A 387 -16.37 0.58 1.63
CA VAL A 387 -16.81 1.27 0.42
C VAL A 387 -17.43 2.62 0.77
N ASN A 388 -18.25 2.65 1.82
CA ASN A 388 -18.84 3.92 2.24
C ASN A 388 -17.80 4.84 2.86
N ALA A 389 -16.73 4.28 3.41
CA ALA A 389 -15.71 5.11 4.05
C ALA A 389 -14.81 5.77 3.03
N ARG A 390 -14.41 5.04 1.99
CA ARG A 390 -13.54 5.56 0.94
C ARG A 390 -14.30 6.30 -0.14
N LEU A 391 -15.47 5.80 -0.54
CA LEU A 391 -16.24 6.35 -1.65
C LEU A 391 -17.46 7.08 -1.12
N ARG A 392 -17.51 8.40 -1.36
CA ARG A 392 -18.68 9.22 -1.06
C ARG A 392 -19.34 9.57 -2.39
N ALA A 393 -20.46 8.93 -2.68
CA ALA A 393 -21.09 9.02 -3.99
C ALA A 393 -22.53 9.50 -3.87
N LYS A 394 -23.12 9.83 -5.03
CA LYS A 394 -24.51 10.24 -5.08
C LYS A 394 -25.45 9.03 -5.11
N HIS A 395 -25.05 7.97 -5.84
CA HIS A 395 -25.89 6.78 -5.96
C HIS A 395 -25.00 5.55 -5.82
N TYR A 396 -25.50 4.56 -5.09
CA TYR A 396 -24.79 3.31 -4.85
C TYR A 396 -25.62 2.18 -5.45
N VAL A 397 -25.02 1.42 -6.36
CA VAL A 397 -25.68 0.26 -6.97
C VAL A 397 -24.99 -0.99 -6.47
N TYR A 398 -25.76 -1.91 -5.91
CA TYR A 398 -25.25 -3.18 -5.39
C TYR A 398 -25.77 -4.30 -6.27
N ILE A 399 -24.89 -4.89 -7.07
CA ILE A 399 -25.23 -5.96 -7.99
C ILE A 399 -24.76 -7.29 -7.40
N GLY A 400 -25.60 -8.31 -7.50
CA GLY A 400 -25.22 -9.62 -7.00
C GLY A 400 -26.41 -10.56 -7.05
N ASP A 401 -26.28 -11.65 -6.29
CA ASP A 401 -27.35 -12.65 -6.19
C ASP A 401 -27.20 -13.37 -4.86
N PRO A 402 -28.04 -13.04 -3.87
CA PRO A 402 -27.97 -13.74 -2.58
C PRO A 402 -28.35 -15.21 -2.66
N ALA A 403 -28.79 -15.70 -3.81
CA ALA A 403 -28.99 -17.13 -4.00
C ALA A 403 -27.73 -17.84 -4.47
N GLN A 404 -26.65 -17.09 -4.73
CA GLN A 404 -25.37 -17.69 -5.09
C GLN A 404 -24.51 -17.85 -3.84
N LEU A 405 -23.19 -17.87 -4.01
CA LEU A 405 -22.41 -18.27 -2.85
C LEU A 405 -21.90 -17.06 -2.08
N PRO A 406 -21.81 -17.21 -0.75
CA PRO A 406 -21.29 -16.11 0.08
C PRO A 406 -19.77 -16.17 0.21
N ALA A 407 -19.22 -15.32 1.07
CA ALA A 407 -17.81 -15.43 1.39
C ALA A 407 -17.60 -16.64 2.31
N PRO A 408 -16.48 -17.34 2.17
CA PRO A 408 -16.24 -18.51 3.05
C PRO A 408 -15.98 -18.04 4.48
N ARG A 409 -16.76 -18.58 5.42
CA ARG A 409 -16.54 -18.34 6.84
C ARG A 409 -15.62 -19.44 7.34
N THR A 410 -14.32 -19.13 7.41
CA THR A 410 -13.31 -20.13 7.73
C THR A 410 -13.45 -20.67 9.15
N LEU A 411 -14.12 -19.94 10.04
CA LEU A 411 -14.32 -20.42 11.40
C LEU A 411 -15.66 -21.12 11.60
N LEU A 412 -16.64 -20.83 10.74
CA LEU A 412 -18.00 -21.34 10.93
C LEU A 412 -18.03 -22.86 10.67
N THR A 413 -18.46 -23.61 11.67
CA THR A 413 -18.58 -25.06 11.56
C THR A 413 -19.95 -25.56 11.99
N LYS A 414 -20.49 -25.03 13.08
CA LYS A 414 -21.81 -25.42 13.56
C LYS A 414 -22.86 -24.56 12.89
N GLY A 415 -23.79 -25.21 12.18
CA GLY A 415 -24.92 -24.51 11.58
C GLY A 415 -24.67 -24.14 10.14
N THR A 416 -25.65 -23.44 9.58
CA THR A 416 -25.60 -22.99 8.19
C THR A 416 -25.99 -21.52 8.11
N LEU A 417 -25.28 -20.77 7.27
CA LEU A 417 -25.46 -19.33 7.15
C LEU A 417 -26.44 -19.02 6.02
N GLU A 418 -27.57 -18.40 6.37
CA GLU A 418 -28.62 -18.11 5.40
C GLU A 418 -28.32 -16.81 4.65
N PRO A 419 -28.85 -16.69 3.43
CA PRO A 419 -28.49 -15.53 2.58
C PRO A 419 -28.78 -14.17 3.22
N GLU A 420 -29.86 -14.07 4.00
CA GLU A 420 -30.16 -12.80 4.68
C GLU A 420 -29.08 -12.42 5.69
N TYR A 421 -28.22 -13.36 6.07
CA TYR A 421 -27.16 -13.11 7.02
C TYR A 421 -25.78 -13.00 6.37
N PHE A 422 -25.72 -13.05 5.03
CA PHE A 422 -24.44 -12.89 4.34
C PHE A 422 -23.84 -11.52 4.62
N ASN A 423 -24.63 -10.47 4.39
CA ASN A 423 -24.21 -9.10 4.67
C ASN A 423 -25.46 -8.23 4.73
N SER A 424 -25.25 -6.92 4.94
CA SER A 424 -26.39 -6.02 5.12
C SER A 424 -27.20 -5.90 3.83
N VAL A 425 -26.55 -5.91 2.68
CA VAL A 425 -27.28 -5.77 1.42
C VAL A 425 -28.14 -7.00 1.17
N CYS A 426 -27.57 -8.19 1.37
CA CYS A 426 -28.36 -9.41 1.18
C CYS A 426 -29.50 -9.50 2.19
N ARG A 427 -29.34 -8.87 3.36
CA ARG A 427 -30.44 -8.82 4.31
C ARG A 427 -31.63 -8.05 3.75
N LEU A 428 -31.36 -6.93 3.08
CA LEU A 428 -32.45 -6.18 2.46
C LEU A 428 -33.10 -6.98 1.34
N MET A 429 -32.30 -7.64 0.50
CA MET A 429 -32.84 -8.35 -0.65
C MET A 429 -33.72 -9.52 -0.22
N LYS A 430 -33.33 -10.23 0.82
CA LYS A 430 -34.06 -11.40 1.27
C LYS A 430 -35.24 -11.07 2.19
N THR A 431 -35.41 -9.80 2.57
CA THR A 431 -36.52 -9.41 3.43
C THR A 431 -37.48 -8.46 2.73
N ILE A 432 -37.02 -7.29 2.30
CA ILE A 432 -37.91 -6.31 1.67
C ILE A 432 -37.81 -6.46 0.16
N GLY A 433 -37.07 -7.47 -0.28
CA GLY A 433 -36.91 -7.72 -1.70
C GLY A 433 -35.92 -6.77 -2.34
N PRO A 434 -35.43 -7.13 -3.52
CA PRO A 434 -34.46 -6.27 -4.21
C PRO A 434 -35.16 -5.18 -4.99
N ASP A 435 -34.47 -4.03 -5.08
CA ASP A 435 -35.00 -2.92 -5.87
C ASP A 435 -35.20 -3.32 -7.33
N MET A 436 -34.32 -4.17 -7.87
CA MET A 436 -34.42 -4.59 -9.26
C MET A 436 -34.13 -6.10 -9.34
N PHE A 437 -34.55 -6.70 -10.45
CA PHE A 437 -34.42 -8.14 -10.61
C PHE A 437 -34.38 -8.47 -12.09
N LEU A 438 -33.22 -8.87 -12.59
CA LEU A 438 -33.08 -9.34 -13.96
C LEU A 438 -33.64 -10.76 -14.04
N GLY A 439 -34.79 -10.92 -14.71
CA GLY A 439 -35.54 -12.15 -14.66
C GLY A 439 -35.47 -13.07 -15.86
N THR A 440 -34.56 -12.84 -16.79
CA THR A 440 -34.40 -13.70 -17.97
C THR A 440 -32.98 -14.26 -18.00
N CYS A 441 -32.88 -15.59 -18.00
CA CYS A 441 -31.60 -16.30 -18.02
C CYS A 441 -31.35 -16.79 -19.45
N ARG A 442 -30.36 -16.20 -20.11
CA ARG A 442 -30.06 -16.51 -21.50
C ARG A 442 -28.89 -17.47 -21.65
N ARG A 443 -28.60 -18.28 -20.63
CA ARG A 443 -27.46 -19.18 -20.66
C ARG A 443 -27.85 -20.64 -20.57
N CYS A 444 -28.67 -21.01 -19.61
CA CYS A 444 -28.92 -22.41 -19.29
C CYS A 444 -30.11 -22.95 -20.05
N PRO A 445 -30.17 -24.27 -20.26
CA PRO A 445 -31.38 -24.90 -20.79
C PRO A 445 -32.56 -24.67 -19.85
N ALA A 446 -33.75 -24.98 -20.38
CA ALA A 446 -34.98 -24.67 -19.64
C ALA A 446 -35.11 -25.53 -18.38
N GLU A 447 -34.66 -26.78 -18.44
CA GLU A 447 -34.78 -27.66 -17.28
C GLU A 447 -33.98 -27.16 -16.09
N ILE A 448 -32.87 -26.46 -16.35
CA ILE A 448 -32.07 -25.90 -15.26
C ILE A 448 -32.73 -24.65 -14.71
N VAL A 449 -33.19 -23.77 -15.59
CA VAL A 449 -33.85 -22.53 -15.15
C VAL A 449 -35.14 -22.86 -14.41
N ASP A 450 -35.93 -23.79 -14.95
CA ASP A 450 -37.18 -24.18 -14.30
C ASP A 450 -36.92 -24.89 -12.96
N THR A 451 -35.66 -25.21 -12.66
CA THR A 451 -35.30 -25.83 -11.39
C THR A 451 -34.82 -24.80 -10.37
N VAL A 452 -33.86 -23.95 -10.75
CA VAL A 452 -33.37 -22.94 -9.82
C VAL A 452 -34.38 -21.82 -9.62
N SER A 453 -35.32 -21.65 -10.55
CA SER A 453 -36.36 -20.64 -10.36
C SER A 453 -37.24 -21.00 -9.17
N ALA A 454 -37.76 -22.23 -9.15
CA ALA A 454 -38.54 -22.70 -8.01
C ALA A 454 -37.68 -22.92 -6.78
N LEU A 455 -36.37 -23.07 -6.93
CA LEU A 455 -35.52 -23.42 -5.80
C LEU A 455 -35.15 -22.20 -4.96
N VAL A 456 -34.82 -21.08 -5.61
CA VAL A 456 -34.26 -19.94 -4.87
C VAL A 456 -34.79 -18.61 -5.39
N TYR A 457 -35.66 -18.62 -6.39
CA TYR A 457 -36.12 -17.39 -7.01
C TYR A 457 -37.65 -17.24 -7.04
N ASP A 458 -38.38 -18.11 -6.34
CA ASP A 458 -39.84 -18.03 -6.27
C ASP A 458 -40.48 -18.03 -7.66
N ASN A 459 -39.95 -18.87 -8.56
CA ASN A 459 -40.50 -19.05 -9.90
C ASN A 459 -40.54 -17.75 -10.69
N LYS A 460 -39.64 -16.81 -10.40
CA LYS A 460 -39.57 -15.54 -11.09
C LYS A 460 -38.41 -15.47 -12.08
N LEU A 461 -37.76 -16.59 -12.36
CA LEU A 461 -36.67 -16.64 -13.33
C LEU A 461 -37.18 -17.30 -14.61
N LYS A 462 -37.13 -16.57 -15.72
CA LYS A 462 -37.64 -17.04 -16.99
C LYS A 462 -36.49 -17.50 -17.87
N ALA A 463 -36.67 -18.65 -18.52
CA ALA A 463 -35.67 -19.22 -19.40
C ALA A 463 -35.78 -18.62 -20.79
N HIS A 464 -34.65 -18.19 -21.34
CA HIS A 464 -34.60 -17.71 -22.71
C HIS A 464 -34.37 -18.85 -23.71
N LYS A 465 -33.52 -19.81 -23.36
CA LYS A 465 -33.33 -20.99 -24.19
C LYS A 465 -34.46 -21.99 -23.98
N ASP A 466 -34.60 -22.90 -24.93
CA ASP A 466 -35.57 -23.98 -24.82
C ASP A 466 -34.99 -25.09 -23.95
N LYS A 467 -35.78 -26.16 -23.78
CA LYS A 467 -35.26 -27.39 -23.21
C LYS A 467 -34.17 -27.95 -24.12
N SER A 468 -33.00 -28.22 -23.55
CA SER A 468 -31.92 -28.79 -24.33
C SER A 468 -32.03 -30.31 -24.46
N ALA A 469 -32.91 -30.93 -23.69
CA ALA A 469 -33.12 -32.38 -23.55
C ALA A 469 -31.86 -33.14 -23.16
N GLN A 470 -30.78 -32.46 -22.79
CA GLN A 470 -29.54 -33.13 -22.40
C GLN A 470 -29.19 -32.86 -20.93
N CYS A 471 -30.22 -32.85 -20.07
CA CYS A 471 -30.04 -32.68 -18.63
C CYS A 471 -30.50 -33.96 -17.94
N PHE A 472 -29.60 -34.59 -17.19
CA PHE A 472 -29.84 -35.90 -16.62
C PHE A 472 -29.49 -35.92 -15.15
N LYS A 473 -30.09 -36.86 -14.42
CA LYS A 473 -29.87 -36.99 -13.00
C LYS A 473 -29.91 -38.47 -12.62
N MET A 474 -28.99 -38.88 -11.76
N MET A 474 -28.98 -38.87 -11.76
CA MET A 474 -28.95 -40.25 -11.26
CA MET A 474 -28.90 -40.24 -11.25
C MET A 474 -28.80 -40.23 -9.74
C MET A 474 -28.83 -40.19 -9.73
N PHE A 475 -29.46 -41.17 -9.09
CA PHE A 475 -29.44 -41.29 -7.63
C PHE A 475 -28.50 -42.44 -7.28
N TYR A 476 -27.25 -42.09 -6.96
CA TYR A 476 -26.23 -43.09 -6.63
C TYR A 476 -25.49 -42.62 -5.37
N LYS A 477 -25.77 -43.28 -4.25
CA LYS A 477 -25.03 -43.00 -3.03
C LYS A 477 -23.60 -43.52 -3.13
N GLY A 478 -23.45 -44.80 -3.45
CA GLY A 478 -22.15 -45.38 -3.69
C GLY A 478 -21.35 -45.62 -2.42
N VAL A 479 -20.13 -45.09 -2.38
CA VAL A 479 -19.22 -45.28 -1.25
C VAL A 479 -18.53 -43.94 -0.98
N ILE A 480 -18.65 -43.44 0.24
CA ILE A 480 -18.07 -42.17 0.65
C ILE A 480 -16.86 -42.45 1.53
N THR A 481 -15.70 -41.96 1.12
CA THR A 481 -14.48 -42.05 1.90
C THR A 481 -14.00 -40.64 2.24
N HIS A 482 -13.46 -40.48 3.45
CA HIS A 482 -12.98 -39.20 3.93
C HIS A 482 -11.47 -39.22 4.05
N ASP A 483 -10.87 -38.02 3.95
CA ASP A 483 -9.46 -37.85 4.28
C ASP A 483 -9.34 -36.71 5.28
N VAL A 484 -8.30 -35.87 5.15
CA VAL A 484 -8.00 -34.89 6.19
C VAL A 484 -9.12 -33.85 6.31
N SER A 485 -9.47 -33.21 5.20
CA SER A 485 -10.43 -32.11 5.26
C SER A 485 -11.25 -32.04 3.98
N SER A 486 -11.66 -33.20 3.48
CA SER A 486 -12.45 -33.29 2.26
C SER A 486 -13.07 -34.68 2.18
N ALA A 487 -13.93 -34.86 1.18
CA ALA A 487 -14.61 -36.13 0.95
C ALA A 487 -14.39 -36.59 -0.48
N ILE A 488 -14.47 -37.91 -0.67
CA ILE A 488 -14.21 -38.55 -1.96
C ILE A 488 -15.26 -39.63 -2.18
N ASN A 489 -15.90 -39.62 -3.35
CA ASN A 489 -16.88 -40.64 -3.74
C ASN A 489 -16.48 -41.15 -5.11
N ARG A 490 -15.68 -42.23 -5.12
CA ARG A 490 -15.16 -42.82 -6.34
C ARG A 490 -16.23 -43.55 -7.16
N PRO A 491 -17.13 -44.32 -6.53
CA PRO A 491 -18.22 -44.91 -7.33
C PRO A 491 -19.05 -43.89 -8.10
N GLN A 492 -19.20 -42.67 -7.57
CA GLN A 492 -19.82 -41.61 -8.36
C GLN A 492 -18.91 -41.20 -9.53
N ILE A 493 -17.60 -41.14 -9.30
CA ILE A 493 -16.66 -40.88 -10.38
C ILE A 493 -16.65 -42.04 -11.36
N GLY A 494 -16.80 -43.27 -10.84
CA GLY A 494 -16.86 -44.43 -11.73
C GLY A 494 -18.12 -44.44 -12.58
N VAL A 495 -19.25 -44.05 -11.99
CA VAL A 495 -20.49 -43.95 -12.75
C VAL A 495 -20.33 -42.97 -13.91
N VAL A 496 -19.62 -41.86 -13.67
CA VAL A 496 -19.36 -40.90 -14.74
C VAL A 496 -18.51 -41.54 -15.82
N ARG A 497 -17.51 -42.35 -15.44
CA ARG A 497 -16.66 -43.00 -16.41
C ARG A 497 -17.47 -43.92 -17.32
N GLU A 498 -18.30 -44.78 -16.72
CA GLU A 498 -19.15 -45.65 -17.52
C GLU A 498 -20.13 -44.85 -18.36
N PHE A 499 -20.53 -43.67 -17.89
CA PHE A 499 -21.37 -42.79 -18.69
C PHE A 499 -20.59 -42.20 -19.85
N LEU A 500 -19.32 -41.87 -19.63
CA LEU A 500 -18.50 -41.27 -20.68
C LEU A 500 -18.15 -42.26 -21.77
N THR A 501 -18.01 -43.54 -21.44
CA THR A 501 -17.72 -44.54 -22.47
C THR A 501 -18.89 -44.69 -23.44
N ARG A 502 -20.11 -44.41 -22.97
CA ARG A 502 -21.29 -44.45 -23.81
C ARG A 502 -21.77 -43.07 -24.24
N ASN A 503 -21.03 -42.01 -23.88
CA ASN A 503 -21.35 -40.64 -24.32
C ASN A 503 -20.06 -39.87 -24.50
N PRO A 504 -19.27 -40.23 -25.53
CA PRO A 504 -18.00 -39.52 -25.76
C PRO A 504 -18.17 -38.06 -26.13
N ALA A 505 -19.39 -37.61 -26.44
CA ALA A 505 -19.55 -36.17 -26.69
C ALA A 505 -19.45 -35.38 -25.39
N TRP A 506 -19.72 -36.03 -24.25
CA TRP A 506 -19.63 -35.39 -22.95
C TRP A 506 -18.20 -35.30 -22.41
N ARG A 507 -17.19 -35.47 -23.27
CA ARG A 507 -15.80 -35.36 -22.85
C ARG A 507 -15.27 -33.93 -22.96
N LYS A 508 -16.01 -33.02 -23.58
CA LYS A 508 -15.71 -31.60 -23.48
C LYS A 508 -16.32 -30.98 -22.23
N ALA A 509 -16.81 -31.80 -21.30
CA ALA A 509 -17.52 -31.30 -20.13
C ALA A 509 -16.55 -30.92 -19.02
N VAL A 510 -17.00 -30.00 -18.18
CA VAL A 510 -16.28 -29.61 -16.98
C VAL A 510 -16.84 -30.40 -15.81
N PHE A 511 -15.95 -30.98 -15.01
CA PHE A 511 -16.35 -31.73 -13.84
C PHE A 511 -16.37 -30.82 -12.62
N ILE A 512 -17.50 -30.81 -11.92
CA ILE A 512 -17.71 -29.95 -10.76
C ILE A 512 -18.18 -30.81 -9.60
N SER A 513 -17.65 -30.53 -8.41
CA SER A 513 -18.03 -31.24 -7.21
C SER A 513 -17.88 -30.30 -6.03
N PRO A 514 -18.57 -30.57 -4.91
CA PRO A 514 -18.43 -29.69 -3.73
C PRO A 514 -17.09 -29.82 -3.03
N TYR A 515 -16.32 -30.87 -3.31
CA TYR A 515 -15.05 -31.11 -2.63
C TYR A 515 -13.93 -31.18 -3.64
N ASN A 516 -12.81 -30.52 -3.32
CA ASN A 516 -11.67 -30.50 -4.23
C ASN A 516 -10.93 -31.82 -4.27
N SER A 517 -11.03 -32.64 -3.23
CA SER A 517 -10.43 -33.97 -3.29
C SER A 517 -11.17 -34.85 -4.30
N GLN A 518 -12.49 -34.70 -4.39
CA GLN A 518 -13.25 -35.43 -5.41
C GLN A 518 -12.82 -35.00 -6.81
N ASN A 519 -12.53 -33.71 -6.98
CA ASN A 519 -12.05 -33.22 -8.27
C ASN A 519 -10.69 -33.83 -8.63
N ALA A 520 -9.80 -33.95 -7.64
CA ALA A 520 -8.47 -34.49 -7.90
C ALA A 520 -8.54 -35.94 -8.37
N VAL A 521 -9.34 -36.75 -7.68
CA VAL A 521 -9.51 -38.14 -8.09
C VAL A 521 -10.18 -38.21 -9.46
N ALA A 522 -11.18 -37.36 -9.69
CA ALA A 522 -11.87 -37.34 -10.97
C ALA A 522 -10.97 -36.87 -12.09
N SER A 523 -10.01 -35.99 -11.79
CA SER A 523 -9.06 -35.56 -12.81
C SER A 523 -8.14 -36.70 -13.24
N LYS A 524 -7.81 -37.61 -12.33
CA LYS A 524 -6.93 -38.72 -12.68
C LYS A 524 -7.68 -39.82 -13.44
N ILE A 525 -8.95 -40.04 -13.11
CA ILE A 525 -9.71 -41.13 -13.72
C ILE A 525 -10.45 -40.69 -14.98
N LEU A 526 -10.79 -39.41 -15.11
CA LEU A 526 -11.58 -38.93 -16.23
C LEU A 526 -10.84 -37.97 -17.15
N GLY A 527 -9.94 -37.14 -16.61
CA GLY A 527 -9.21 -36.21 -17.44
C GLY A 527 -9.97 -34.96 -17.83
N LEU A 528 -11.12 -34.69 -17.18
CA LEU A 528 -11.91 -33.50 -17.42
C LEU A 528 -11.40 -32.34 -16.56
N PRO A 529 -11.51 -31.11 -17.05
CA PRO A 529 -11.18 -29.95 -16.20
C PRO A 529 -12.03 -29.95 -14.94
N THR A 530 -11.42 -29.48 -13.84
CA THR A 530 -12.03 -29.55 -12.53
C THR A 530 -12.29 -28.16 -11.98
N GLN A 531 -13.43 -28.01 -11.29
CA GLN A 531 -13.80 -26.78 -10.61
C GLN A 531 -14.64 -27.14 -9.39
N THR A 532 -14.26 -26.63 -8.22
CA THR A 532 -15.19 -26.65 -7.10
C THR A 532 -16.32 -25.66 -7.38
N VAL A 533 -17.48 -25.92 -6.77
CA VAL A 533 -18.65 -25.08 -7.02
C VAL A 533 -18.34 -23.62 -6.69
N ASP A 534 -17.50 -23.39 -5.69
CA ASP A 534 -17.14 -22.02 -5.32
C ASP A 534 -16.21 -21.39 -6.33
N SER A 535 -15.32 -22.17 -6.93
CA SER A 535 -14.44 -21.65 -7.96
C SER A 535 -15.13 -21.57 -9.31
N SER A 536 -16.26 -22.24 -9.49
CA SER A 536 -16.98 -22.20 -10.76
C SER A 536 -17.90 -21.01 -10.87
N GLN A 537 -18.17 -20.31 -9.78
CA GLN A 537 -19.08 -19.17 -9.82
C GLN A 537 -18.53 -18.08 -10.73
N GLY A 538 -19.41 -17.50 -11.55
CA GLY A 538 -19.02 -16.48 -12.50
C GLY A 538 -18.47 -16.99 -13.81
N SER A 539 -18.54 -18.29 -14.07
CA SER A 539 -18.05 -18.87 -15.31
C SER A 539 -19.11 -19.81 -15.88
N GLU A 540 -19.17 -19.85 -17.21
CA GLU A 540 -20.13 -20.69 -17.92
C GLU A 540 -19.38 -21.67 -18.83
N TYR A 541 -19.85 -22.92 -18.85
CA TYR A 541 -19.30 -23.96 -19.69
C TYR A 541 -20.45 -24.68 -20.38
N ASP A 542 -20.17 -25.26 -21.55
CA ASP A 542 -21.22 -25.93 -22.32
C ASP A 542 -21.79 -27.12 -21.56
N TYR A 543 -20.94 -28.05 -21.17
CA TYR A 543 -21.35 -29.27 -20.49
C TYR A 543 -20.73 -29.32 -19.10
N VAL A 544 -21.52 -29.79 -18.13
CA VAL A 544 -21.10 -29.87 -16.74
C VAL A 544 -21.46 -31.26 -16.23
N ILE A 545 -20.51 -31.92 -15.57
CA ILE A 545 -20.74 -33.20 -14.91
C ILE A 545 -20.55 -32.99 -13.42
N PHE A 546 -21.63 -33.14 -12.65
CA PHE A 546 -21.63 -32.82 -11.23
C PHE A 546 -21.87 -34.06 -10.41
N THR A 547 -21.02 -34.27 -9.40
CA THR A 547 -21.18 -35.35 -8.43
C THR A 547 -21.29 -34.72 -7.06
N GLN A 548 -22.46 -34.87 -6.41
CA GLN A 548 -22.66 -34.27 -5.11
C GLN A 548 -21.74 -34.85 -4.04
N THR A 549 -21.18 -36.04 -4.29
CA THR A 549 -20.24 -36.71 -3.39
C THR A 549 -20.89 -37.18 -2.10
N THR A 550 -21.43 -36.24 -1.32
CA THR A 550 -22.07 -36.56 -0.05
C THR A 550 -23.43 -35.88 0.03
N GLU A 551 -24.18 -36.23 1.07
CA GLU A 551 -25.36 -35.48 1.48
C GLU A 551 -25.16 -34.82 2.85
N THR A 552 -23.96 -34.29 3.08
CA THR A 552 -23.71 -33.47 4.25
C THR A 552 -24.45 -32.13 4.10
N ALA A 553 -24.35 -31.30 5.14
CA ALA A 553 -24.90 -29.94 5.04
C ALA A 553 -24.16 -29.12 4.00
N HIS A 554 -22.89 -29.45 3.76
CA HIS A 554 -22.09 -28.69 2.80
C HIS A 554 -22.54 -28.93 1.37
N SER A 555 -22.75 -30.20 1.00
CA SER A 555 -23.08 -30.54 -0.37
C SER A 555 -24.56 -30.30 -0.71
N CYS A 556 -25.43 -30.26 0.29
CA CYS A 556 -26.84 -30.04 0.08
C CYS A 556 -27.24 -28.58 0.13
N ASN A 557 -26.28 -27.67 0.32
CA ASN A 557 -26.60 -26.25 0.42
C ASN A 557 -27.24 -25.75 -0.86
N VAL A 558 -28.40 -25.11 -0.74
CA VAL A 558 -29.17 -24.76 -1.93
C VAL A 558 -28.50 -23.64 -2.71
N ASN A 559 -27.79 -22.72 -2.03
CA ASN A 559 -27.07 -21.68 -2.76
C ASN A 559 -25.87 -22.27 -3.51
N ARG A 560 -25.32 -23.36 -2.99
CA ARG A 560 -24.25 -24.05 -3.71
C ARG A 560 -24.80 -24.89 -4.85
N PHE A 561 -25.89 -25.63 -4.61
CA PHE A 561 -26.46 -26.44 -5.68
C PHE A 561 -27.07 -25.57 -6.77
N ASN A 562 -27.54 -24.38 -6.43
CA ASN A 562 -27.97 -23.42 -7.44
C ASN A 562 -26.82 -23.05 -8.37
N VAL A 563 -25.66 -22.72 -7.78
CA VAL A 563 -24.49 -22.41 -8.60
C VAL A 563 -23.99 -23.67 -9.31
N ALA A 564 -24.20 -24.84 -8.71
CA ALA A 564 -23.61 -26.06 -9.27
C ALA A 564 -24.22 -26.43 -10.61
N ILE A 565 -25.50 -26.15 -10.81
CA ILE A 565 -26.17 -26.56 -12.04
C ILE A 565 -26.39 -25.41 -13.01
N THR A 566 -26.14 -24.17 -12.59
CA THR A 566 -26.33 -23.02 -13.48
C THR A 566 -25.11 -22.71 -14.34
N ARG A 567 -23.99 -23.42 -14.17
CA ARG A 567 -22.83 -23.15 -15.02
C ARG A 567 -22.95 -23.76 -16.40
N ALA A 568 -24.00 -24.54 -16.66
CA ALA A 568 -24.14 -25.24 -17.93
C ALA A 568 -24.84 -24.36 -18.96
N LYS A 569 -24.33 -24.38 -20.19
CA LYS A 569 -24.98 -23.71 -21.30
C LYS A 569 -25.75 -24.66 -22.20
N VAL A 570 -25.38 -25.94 -22.23
CA VAL A 570 -26.05 -26.90 -23.10
C VAL A 570 -26.64 -28.04 -22.28
N GLY A 571 -25.77 -28.91 -21.73
CA GLY A 571 -26.23 -30.07 -21.00
C GLY A 571 -25.53 -30.17 -19.65
N ILE A 572 -26.05 -31.08 -18.83
CA ILE A 572 -25.49 -31.31 -17.50
C ILE A 572 -25.86 -32.72 -17.06
N LEU A 573 -24.92 -33.39 -16.40
CA LEU A 573 -25.15 -34.66 -15.72
C LEU A 573 -24.95 -34.46 -14.23
N CYS A 574 -25.97 -34.80 -13.44
CA CYS A 574 -25.94 -34.63 -11.98
C CYS A 574 -26.04 -35.99 -11.31
N ILE A 575 -24.92 -36.45 -10.75
CA ILE A 575 -24.91 -37.66 -9.93
C ILE A 575 -25.19 -37.23 -8.50
N MET A 576 -26.41 -37.50 -8.03
CA MET A 576 -26.89 -36.95 -6.77
C MET A 576 -26.78 -37.97 -5.64
N SER A 577 -26.45 -37.48 -4.45
CA SER A 577 -26.49 -38.27 -3.23
C SER A 577 -27.71 -37.96 -2.37
N ASP A 578 -28.14 -36.70 -2.36
CA ASP A 578 -29.29 -36.27 -1.57
C ASP A 578 -30.58 -36.45 -2.34
N ARG A 579 -31.54 -37.14 -1.73
CA ARG A 579 -32.82 -37.39 -2.38
C ARG A 579 -33.64 -36.11 -2.50
N ASP A 580 -33.47 -35.16 -1.58
CA ASP A 580 -34.21 -33.91 -1.64
C ASP A 580 -33.95 -33.17 -2.95
N LEU A 581 -32.69 -32.80 -3.20
CA LEU A 581 -32.37 -32.07 -4.42
C LEU A 581 -32.48 -32.94 -5.66
N TYR A 582 -32.45 -34.27 -5.52
CA TYR A 582 -32.66 -35.13 -6.66
C TYR A 582 -34.08 -35.01 -7.20
N ASP A 583 -35.06 -34.94 -6.31
CA ASP A 583 -36.44 -34.79 -6.73
C ASP A 583 -36.78 -33.35 -7.12
N LYS A 584 -36.03 -32.37 -6.58
CA LYS A 584 -36.18 -30.99 -7.06
C LYS A 584 -35.54 -30.78 -8.42
N LEU A 585 -34.70 -31.71 -8.88
CA LEU A 585 -34.09 -31.60 -10.21
C LEU A 585 -35.08 -32.04 -11.27
N GLN A 586 -35.47 -31.11 -12.13
CA GLN A 586 -36.36 -31.42 -13.25
C GLN A 586 -35.54 -31.90 -14.45
N PHE A 587 -34.85 -33.02 -14.23
CA PHE A 587 -33.97 -33.62 -15.23
C PHE A 587 -34.49 -35.01 -15.58
N THR A 588 -34.12 -35.46 -16.77
CA THR A 588 -34.44 -36.82 -17.18
C THR A 588 -33.66 -37.81 -16.31
N SER A 589 -34.38 -38.73 -15.69
CA SER A 589 -33.76 -39.67 -14.76
C SER A 589 -33.09 -40.82 -15.50
N LEU A 590 -31.98 -41.29 -14.94
CA LEU A 590 -31.24 -42.41 -15.47
C LEU A 590 -31.08 -43.49 -14.40
N GLU A 591 -30.90 -44.73 -14.85
CA GLU A 591 -30.72 -45.87 -13.96
C GLU A 591 -29.24 -46.21 -13.82
N ILE A 592 -28.93 -47.00 -12.80
CA ILE A 592 -27.56 -47.31 -12.43
C ILE A 592 -27.12 -48.55 -13.22
N PRO A 593 -26.07 -48.45 -14.05
CA PRO A 593 -25.51 -49.62 -14.75
C PRO A 593 -24.74 -50.54 -13.81
N ALA B 1 -11.58 16.85 -17.47
CA ALA B 1 -11.26 18.00 -18.33
C ALA B 1 -11.68 19.30 -17.66
N VAL B 2 -12.06 19.21 -16.38
CA VAL B 2 -12.45 20.37 -15.58
C VAL B 2 -11.54 20.39 -14.36
N GLY B 3 -10.69 21.41 -14.26
CA GLY B 3 -9.71 21.51 -13.20
C GLY B 3 -9.42 22.95 -12.84
N ALA B 4 -8.27 23.18 -12.22
CA ALA B 4 -7.88 24.47 -11.68
C ALA B 4 -6.52 24.89 -12.21
N CYS B 5 -6.40 26.19 -12.52
CA CYS B 5 -5.13 26.76 -12.98
C CYS B 5 -4.04 26.57 -11.93
N VAL B 6 -3.00 25.80 -12.25
CA VAL B 6 -1.97 25.47 -11.28
C VAL B 6 -1.16 26.71 -10.90
N LEU B 7 -1.48 27.85 -11.50
CA LEU B 7 -0.80 29.11 -11.20
C LEU B 7 -1.64 30.05 -10.34
N CYS B 8 -2.93 30.19 -10.63
CA CYS B 8 -3.80 31.06 -9.85
C CYS B 8 -5.11 30.39 -9.43
N ASN B 9 -5.21 29.07 -9.57
CA ASN B 9 -6.30 28.26 -9.04
C ASN B 9 -7.61 28.42 -9.81
N SER B 10 -7.66 29.34 -10.77
CA SER B 10 -8.90 29.59 -11.49
C SER B 10 -9.37 28.35 -12.25
N GLN B 11 -10.68 28.09 -12.18
CA GLN B 11 -11.25 26.95 -12.87
C GLN B 11 -11.24 27.18 -14.38
N THR B 12 -10.71 26.22 -15.14
CA THR B 12 -10.61 26.35 -16.59
C THR B 12 -10.56 24.96 -17.20
N SER B 13 -10.75 24.90 -18.51
CA SER B 13 -10.73 23.64 -19.25
C SER B 13 -9.41 23.38 -19.96
N LEU B 14 -8.47 24.33 -19.94
CA LEU B 14 -7.32 24.31 -20.82
C LEU B 14 -6.13 23.66 -20.13
N ARG B 15 -5.69 22.52 -20.65
CA ARG B 15 -4.45 21.87 -20.24
C ARG B 15 -3.45 21.92 -21.38
N CYS B 16 -2.17 22.03 -21.04
CA CYS B 16 -1.13 22.11 -22.06
C CYS B 16 -0.71 20.70 -22.48
N GLY B 17 -0.89 20.39 -23.76
CA GLY B 17 -0.50 19.09 -24.27
C GLY B 17 0.98 18.92 -24.48
N ALA B 18 1.74 20.01 -24.54
CA ALA B 18 3.18 19.91 -24.72
C ALA B 18 3.88 19.58 -23.42
N CYS B 19 3.39 20.11 -22.30
CA CYS B 19 3.93 19.76 -21.00
C CYS B 19 3.74 18.28 -20.73
N ILE B 20 4.77 17.65 -20.14
CA ILE B 20 4.72 16.22 -19.88
C ILE B 20 3.60 15.88 -18.90
N ARG B 21 3.21 16.84 -18.04
CA ARG B 21 2.21 16.60 -17.02
C ARG B 21 0.79 16.95 -17.46
N ARG B 22 0.65 17.94 -18.36
CA ARG B 22 -0.62 18.53 -18.79
C ARG B 22 -1.26 19.29 -17.63
N PRO B 23 -0.76 20.48 -17.31
CA PRO B 23 -1.35 21.26 -16.22
C PRO B 23 -2.53 22.08 -16.71
N PHE B 24 -3.60 22.07 -15.90
CA PHE B 24 -4.73 22.94 -16.15
C PHE B 24 -4.27 24.40 -16.10
N LEU B 25 -4.40 25.11 -17.21
CA LEU B 25 -3.94 26.48 -17.34
C LEU B 25 -5.13 27.37 -17.66
N CYS B 26 -5.31 28.43 -16.87
CA CYS B 26 -6.46 29.29 -17.08
C CYS B 26 -6.22 30.20 -18.28
N CYS B 27 -7.33 30.68 -18.85
CA CYS B 27 -7.28 31.49 -20.06
C CYS B 27 -6.41 32.74 -19.86
N LYS B 28 -6.40 33.30 -18.65
CA LYS B 28 -5.60 34.49 -18.41
C LYS B 28 -4.11 34.18 -18.45
N CYS B 29 -3.71 32.99 -18.04
CA CYS B 29 -2.30 32.61 -18.01
C CYS B 29 -1.89 31.72 -19.18
N CYS B 30 -2.81 30.91 -19.70
CA CYS B 30 -2.46 29.96 -20.77
C CYS B 30 -1.98 30.68 -22.02
N TYR B 31 -2.48 31.89 -22.27
CA TYR B 31 -1.93 32.71 -23.34
C TYR B 31 -0.47 33.07 -23.05
N ASP B 32 -0.16 33.37 -21.79
CA ASP B 32 1.19 33.78 -21.43
C ASP B 32 2.19 32.63 -21.45
N HIS B 33 1.72 31.38 -21.47
CA HIS B 33 2.60 30.23 -21.60
C HIS B 33 2.89 29.87 -23.04
N VAL B 34 1.92 30.08 -23.94
CA VAL B 34 2.12 29.73 -25.34
C VAL B 34 2.68 30.87 -26.18
N ILE B 35 2.54 32.12 -25.73
CA ILE B 35 3.11 33.25 -26.45
C ILE B 35 4.61 33.40 -26.19
N SER B 36 5.16 32.61 -25.28
CA SER B 36 6.56 32.76 -24.89
C SER B 36 7.39 31.49 -25.02
N THR B 37 6.77 30.33 -25.24
CA THR B 37 7.48 29.06 -25.29
C THR B 37 7.10 28.30 -26.55
N SER B 38 7.86 27.24 -26.83
CA SER B 38 7.52 26.34 -27.93
C SER B 38 6.25 25.55 -27.66
N HIS B 39 5.73 25.59 -26.43
CA HIS B 39 4.45 24.98 -26.12
C HIS B 39 3.35 25.74 -26.86
N LYS B 40 2.81 25.12 -27.91
CA LYS B 40 1.72 25.72 -28.67
C LYS B 40 0.46 24.88 -28.66
N LEU B 41 0.50 23.66 -28.15
CA LEU B 41 -0.66 22.77 -28.13
C LEU B 41 -1.43 22.97 -26.84
N VAL B 42 -2.69 23.40 -26.97
CA VAL B 42 -3.60 23.57 -25.84
C VAL B 42 -4.77 22.61 -26.01
N LEU B 43 -5.22 22.03 -24.90
CA LEU B 43 -6.31 21.06 -24.91
C LEU B 43 -7.50 21.60 -24.13
N SER B 44 -8.58 20.83 -24.14
CA SER B 44 -9.76 21.11 -23.33
C SER B 44 -10.50 19.81 -23.07
N VAL B 45 -11.70 19.68 -23.59
CA VAL B 45 -12.31 18.36 -23.73
C VAL B 45 -11.88 17.72 -25.05
N ASN B 46 -11.75 18.54 -26.09
CA ASN B 46 -11.22 18.19 -27.39
C ASN B 46 -10.00 19.06 -27.70
N PRO B 47 -9.03 18.53 -28.44
CA PRO B 47 -7.81 19.31 -28.72
C PRO B 47 -8.12 20.56 -29.52
N TYR B 48 -7.52 21.68 -29.11
CA TYR B 48 -7.60 22.92 -29.87
C TYR B 48 -6.77 22.75 -31.13
N VAL B 49 -7.36 22.10 -32.12
CA VAL B 49 -6.68 21.81 -33.38
C VAL B 49 -7.63 22.15 -34.52
N CYS B 50 -7.07 22.46 -35.69
CA CYS B 50 -7.87 22.73 -36.87
C CYS B 50 -8.66 21.48 -37.26
N ASN B 51 -9.97 21.52 -37.03
CA ASN B 51 -10.81 20.39 -37.36
C ASN B 51 -11.05 20.23 -38.86
N ALA B 52 -10.43 21.05 -39.71
CA ALA B 52 -10.58 20.88 -41.14
C ALA B 52 -9.92 19.56 -41.57
N PRO B 53 -10.49 18.86 -42.55
CA PRO B 53 -9.94 17.55 -42.92
C PRO B 53 -8.53 17.65 -43.48
N GLY B 54 -7.63 16.84 -42.91
CA GLY B 54 -6.26 16.80 -43.37
C GLY B 54 -5.36 17.91 -42.87
N CYS B 55 -5.90 18.98 -42.28
CA CYS B 55 -5.04 20.08 -41.87
C CYS B 55 -4.25 19.70 -40.63
N ASP B 56 -2.99 20.13 -40.60
CA ASP B 56 -2.05 19.70 -39.56
C ASP B 56 -1.93 20.71 -38.43
N VAL B 57 -2.29 21.98 -38.66
CA VAL B 57 -2.04 23.06 -37.72
C VAL B 57 -2.63 22.78 -36.35
N THR B 58 -1.77 22.51 -35.36
CA THR B 58 -2.19 22.41 -33.96
C THR B 58 -1.78 23.62 -33.14
N ASP B 59 -0.95 24.50 -33.68
CA ASP B 59 -0.54 25.70 -32.97
C ASP B 59 -1.76 26.54 -32.60
N VAL B 60 -1.94 26.78 -31.30
CA VAL B 60 -3.11 27.52 -30.85
C VAL B 60 -3.08 28.98 -31.29
N THR B 61 -1.90 29.52 -31.57
CA THR B 61 -1.78 30.90 -32.01
C THR B 61 -2.12 31.08 -33.49
N GLN B 62 -2.28 29.99 -34.25
CA GLN B 62 -2.63 30.04 -35.66
C GLN B 62 -3.98 29.38 -35.90
N LEU B 63 -4.90 29.52 -34.95
CA LEU B 63 -6.22 28.91 -35.03
C LEU B 63 -7.28 29.93 -34.64
N TYR B 64 -8.52 29.62 -35.03
CA TYR B 64 -9.66 30.51 -34.81
C TYR B 64 -10.83 29.69 -34.29
N LEU B 65 -11.92 30.36 -33.98
CA LEU B 65 -13.15 29.72 -33.50
C LEU B 65 -14.24 29.90 -34.54
N GLY B 66 -14.67 28.81 -35.15
CA GLY B 66 -15.74 28.86 -36.14
C GLY B 66 -17.04 28.31 -35.61
N GLY B 67 -17.58 28.94 -34.58
CA GLY B 67 -18.79 28.44 -33.91
C GLY B 67 -18.44 27.53 -32.74
N MET B 68 -18.67 26.22 -32.92
CA MET B 68 -18.27 25.26 -31.90
C MET B 68 -16.86 24.73 -32.15
N SER B 69 -16.48 24.55 -33.42
CA SER B 69 -15.19 23.98 -33.78
C SER B 69 -14.15 25.08 -33.99
N TYR B 70 -12.91 24.65 -34.20
CA TYR B 70 -11.77 25.53 -34.34
C TYR B 70 -11.08 25.29 -35.67
N TYR B 71 -10.60 26.37 -36.30
CA TYR B 71 -10.03 26.29 -37.63
C TYR B 71 -8.82 27.21 -37.76
N CYS B 72 -7.94 26.89 -38.70
CA CYS B 72 -6.76 27.71 -38.95
C CYS B 72 -7.11 28.88 -39.85
N LYS B 73 -6.10 29.68 -40.19
CA LYS B 73 -6.31 30.85 -41.03
C LYS B 73 -6.66 30.48 -42.46
N SER B 74 -6.36 29.25 -42.90
CA SER B 74 -6.64 28.83 -44.26
C SER B 74 -8.02 28.19 -44.42
N HIS B 75 -8.71 27.89 -43.32
CA HIS B 75 -10.01 27.22 -43.38
C HIS B 75 -11.11 27.92 -42.59
N LYS B 76 -10.81 29.00 -41.88
CA LYS B 76 -11.81 29.60 -40.99
C LYS B 76 -12.90 30.29 -41.80
N PRO B 77 -14.15 30.24 -41.34
CA PRO B 77 -15.23 30.97 -42.02
C PRO B 77 -15.08 32.46 -41.79
N PRO B 78 -15.83 33.29 -42.54
CA PRO B 78 -15.69 34.75 -42.36
C PRO B 78 -15.95 35.21 -40.94
N ILE B 79 -16.95 34.64 -40.26
CA ILE B 79 -17.26 34.99 -38.88
C ILE B 79 -16.48 34.02 -38.00
N SER B 80 -15.37 34.49 -37.44
CA SER B 80 -14.51 33.61 -36.64
C SER B 80 -13.71 34.44 -35.65
N PHE B 81 -13.51 33.89 -34.46
CA PHE B 81 -12.73 34.50 -33.39
C PHE B 81 -11.42 33.77 -33.23
N PRO B 82 -10.28 34.47 -33.24
CA PRO B 82 -9.01 33.79 -32.96
C PRO B 82 -8.94 33.36 -31.51
N LEU B 83 -8.44 32.15 -31.29
CA LEU B 83 -8.37 31.61 -29.94
C LEU B 83 -7.49 32.47 -29.05
N CYS B 84 -6.32 32.87 -29.54
CA CYS B 84 -5.42 33.75 -28.81
C CYS B 84 -5.72 35.19 -29.17
N ALA B 85 -6.18 35.98 -28.19
CA ALA B 85 -6.54 37.36 -28.44
C ALA B 85 -6.48 38.15 -27.15
N ASN B 86 -5.70 39.24 -27.15
CA ASN B 86 -5.64 40.19 -26.05
C ASN B 86 -5.39 39.51 -24.71
N GLY B 87 -4.28 38.75 -24.66
CA GLY B 87 -3.82 38.15 -23.44
C GLY B 87 -4.59 36.93 -22.96
N GLN B 88 -5.57 36.45 -23.73
CA GLN B 88 -6.38 35.33 -23.29
C GLN B 88 -6.56 34.33 -24.43
N VAL B 89 -6.84 33.09 -24.04
CA VAL B 89 -7.19 32.02 -24.97
C VAL B 89 -8.65 31.65 -24.71
N PHE B 90 -9.38 31.34 -25.78
CA PHE B 90 -10.79 31.00 -25.64
C PHE B 90 -10.96 29.76 -24.78
N GLY B 91 -11.88 29.83 -23.83
CA GLY B 91 -12.12 28.70 -22.93
C GLY B 91 -13.23 29.05 -21.96
N LEU B 92 -13.64 28.03 -21.21
CA LEU B 92 -14.70 28.19 -20.23
C LEU B 92 -14.25 29.08 -19.07
N TYR B 93 -15.24 29.62 -18.36
CA TYR B 93 -15.03 30.47 -17.18
C TYR B 93 -14.18 31.70 -17.48
N LYS B 94 -14.10 32.10 -18.75
CA LYS B 94 -13.30 33.25 -19.14
C LYS B 94 -14.01 34.56 -18.80
N VAL B 103 4.30 33.83 -13.97
CA VAL B 103 4.17 32.85 -15.04
C VAL B 103 5.49 32.73 -15.80
N THR B 104 6.30 33.78 -15.74
CA THR B 104 7.65 33.70 -16.27
C THR B 104 8.44 32.60 -15.57
N ASP B 105 8.20 32.42 -14.27
CA ASP B 105 8.77 31.27 -13.56
C ASP B 105 8.22 29.96 -14.10
N PHE B 106 6.90 29.92 -14.35
CA PHE B 106 6.27 28.69 -14.82
C PHE B 106 6.82 28.27 -16.18
N ASN B 107 7.06 29.23 -17.07
CA ASN B 107 7.57 28.89 -18.40
C ASN B 107 8.95 28.26 -18.32
N ALA B 108 9.85 28.85 -17.52
CA ALA B 108 11.20 28.31 -17.38
C ALA B 108 11.17 26.93 -16.74
N ILE B 109 10.31 26.74 -15.73
CA ILE B 109 10.16 25.44 -15.10
C ILE B 109 9.60 24.42 -16.10
N ALA B 110 8.70 24.85 -16.98
CA ALA B 110 8.08 23.94 -17.93
C ALA B 110 9.00 23.60 -19.10
N THR B 111 9.88 24.54 -19.50
CA THR B 111 10.73 24.36 -20.66
C THR B 111 12.13 23.88 -20.33
N CYS B 112 12.49 23.79 -19.04
CA CYS B 112 13.86 23.40 -18.68
C CYS B 112 14.08 21.90 -18.89
N ASP B 113 15.34 21.55 -19.06
CA ASP B 113 15.76 20.15 -19.19
C ASP B 113 16.22 19.56 -17.87
N TRP B 114 16.17 20.32 -16.77
CA TRP B 114 16.54 19.85 -15.44
C TRP B 114 18.00 19.42 -15.37
N THR B 115 18.86 20.02 -16.20
CA THR B 115 20.28 19.76 -16.18
C THR B 115 21.11 20.89 -15.58
N ASN B 116 20.59 22.11 -15.56
CA ASN B 116 21.31 23.25 -15.02
C ASN B 116 20.91 23.48 -13.56
N ALA B 117 21.78 24.19 -12.85
CA ALA B 117 21.54 24.43 -11.43
C ALA B 117 20.40 25.43 -11.22
N GLY B 118 20.33 26.47 -12.06
CA GLY B 118 19.27 27.46 -11.93
C GLY B 118 17.88 26.89 -12.07
N ASP B 119 17.75 25.74 -12.74
CA ASP B 119 16.47 25.06 -12.80
C ASP B 119 16.01 24.65 -11.42
N TYR B 120 16.89 24.02 -10.64
CA TYR B 120 16.53 23.60 -9.29
C TYR B 120 16.43 24.79 -8.34
N ILE B 121 17.20 25.85 -8.60
CA ILE B 121 17.09 27.08 -7.82
C ILE B 121 15.70 27.68 -7.98
N LEU B 122 15.28 27.89 -9.24
CA LEU B 122 13.97 28.46 -9.51
C LEU B 122 12.84 27.55 -9.04
N ALA B 123 13.09 26.25 -8.91
CA ALA B 123 12.08 25.32 -8.42
C ALA B 123 11.86 25.41 -6.92
N ASN B 124 12.72 26.12 -6.20
CA ASN B 124 12.55 26.32 -4.76
C ASN B 124 12.44 27.79 -4.38
N THR B 125 12.47 28.71 -5.35
CA THR B 125 12.28 30.13 -5.10
C THR B 125 10.98 30.65 -5.71
N CYS B 126 10.11 29.77 -6.19
CA CYS B 126 8.85 30.14 -6.82
C CYS B 126 7.72 30.07 -5.80
N THR B 127 6.48 30.15 -6.28
CA THR B 127 5.33 30.05 -5.41
C THR B 127 5.17 28.59 -4.93
N GLU B 128 4.31 28.40 -3.93
CA GLU B 128 4.21 27.10 -3.29
C GLU B 128 3.66 26.03 -4.23
N ARG B 129 2.63 26.37 -4.99
CA ARG B 129 2.06 25.37 -5.89
C ARG B 129 2.98 25.10 -7.08
N LEU B 130 3.76 26.08 -7.50
CA LEU B 130 4.72 25.85 -8.58
C LEU B 130 5.82 24.91 -8.15
N LYS B 131 6.19 24.91 -6.86
CA LYS B 131 7.13 23.92 -6.37
C LYS B 131 6.61 22.51 -6.62
N LEU B 132 5.30 22.33 -6.53
CA LEU B 132 4.71 21.01 -6.76
C LEU B 132 4.70 20.66 -8.24
N PHE B 133 4.41 21.63 -9.11
CA PHE B 133 4.51 21.38 -10.55
C PHE B 133 5.96 21.15 -10.96
N ALA B 134 6.88 21.88 -10.34
CA ALA B 134 8.30 21.67 -10.62
C ALA B 134 8.74 20.29 -10.18
N ALA B 135 8.41 19.91 -8.94
CA ALA B 135 8.77 18.58 -8.45
C ALA B 135 8.08 17.49 -9.25
N GLU B 136 6.85 17.75 -9.69
CA GLU B 136 6.12 16.76 -10.49
C GLU B 136 6.77 16.60 -11.87
N THR B 137 7.17 17.71 -12.49
CA THR B 137 7.81 17.65 -13.79
C THR B 137 9.19 17.02 -13.69
N LEU B 138 9.98 17.41 -12.68
CA LEU B 138 11.31 16.85 -12.52
C LEU B 138 11.26 15.36 -12.27
N LYS B 139 10.45 14.93 -11.29
CA LYS B 139 10.29 13.49 -11.03
C LYS B 139 9.86 12.74 -12.28
N ALA B 140 9.08 13.38 -13.15
CA ALA B 140 8.68 12.75 -14.41
C ALA B 140 9.81 12.77 -15.42
N THR B 141 10.55 13.88 -15.51
CA THR B 141 11.70 13.93 -16.41
C THR B 141 12.78 12.96 -15.97
N GLU B 142 12.92 12.72 -14.66
CA GLU B 142 13.90 11.76 -14.17
C GLU B 142 13.51 10.34 -14.55
N GLU B 143 12.23 9.99 -14.40
CA GLU B 143 11.80 8.61 -14.59
C GLU B 143 11.87 8.18 -16.05
N THR B 144 11.52 9.07 -16.98
CA THR B 144 11.51 8.71 -18.39
C THR B 144 12.92 8.67 -18.98
N PHE B 145 13.85 9.46 -18.44
CA PHE B 145 15.24 9.37 -18.90
C PHE B 145 15.89 8.06 -18.48
N LYS B 146 15.33 7.37 -17.47
CA LYS B 146 15.83 6.06 -17.11
C LYS B 146 15.56 5.03 -18.21
N LEU B 147 14.48 5.23 -18.97
CA LEU B 147 14.21 4.39 -20.13
C LEU B 147 15.21 4.61 -21.25
N SER B 148 16.07 5.62 -21.13
CA SER B 148 17.04 5.96 -22.17
C SER B 148 18.44 5.48 -21.80
N TYR B 149 18.55 4.21 -21.41
CA TYR B 149 19.84 3.62 -21.09
C TYR B 149 19.92 2.28 -21.82
N GLY B 150 20.81 1.40 -21.36
CA GLY B 150 21.02 0.13 -22.02
C GLY B 150 20.67 -1.07 -21.18
N ILE B 151 19.76 -1.90 -21.69
CA ILE B 151 19.36 -3.12 -21.00
C ILE B 151 20.52 -4.11 -21.03
N ALA B 152 21.07 -4.43 -19.86
CA ALA B 152 22.20 -5.34 -19.75
C ALA B 152 21.73 -6.76 -19.55
N THR B 153 22.42 -7.70 -20.19
CA THR B 153 22.08 -9.12 -20.13
C THR B 153 23.31 -9.91 -19.72
N VAL B 154 23.10 -10.95 -18.91
CA VAL B 154 24.20 -11.76 -18.40
C VAL B 154 24.72 -12.66 -19.53
N ARG B 155 26.03 -12.55 -19.81
CA ARG B 155 26.65 -13.45 -20.77
C ARG B 155 26.99 -14.78 -20.12
N GLU B 156 27.56 -14.75 -18.91
CA GLU B 156 27.89 -15.96 -18.18
C GLU B 156 28.11 -15.62 -16.71
N VAL B 157 27.69 -16.52 -15.84
CA VAL B 157 27.86 -16.35 -14.39
C VAL B 157 29.18 -16.96 -13.97
N LEU B 158 29.89 -16.27 -13.08
CA LEU B 158 31.18 -16.74 -12.59
C LEU B 158 31.03 -17.51 -11.28
N SER B 159 30.85 -16.78 -10.18
CA SER B 159 30.63 -17.42 -8.88
C SER B 159 29.25 -17.07 -8.34
N ASP B 160 29.10 -17.09 -7.02
CA ASP B 160 27.85 -16.72 -6.38
C ASP B 160 27.76 -15.22 -6.06
N ARG B 161 28.74 -14.43 -6.53
CA ARG B 161 28.68 -12.99 -6.33
C ARG B 161 29.38 -12.22 -7.45
N GLU B 162 29.76 -12.86 -8.55
CA GLU B 162 30.43 -12.19 -9.66
C GLU B 162 29.93 -12.78 -10.98
N LEU B 163 29.87 -11.94 -12.01
CA LEU B 163 29.48 -12.38 -13.34
C LEU B 163 30.02 -11.39 -14.36
N HIS B 164 29.73 -11.66 -15.64
CA HIS B 164 30.12 -10.79 -16.74
C HIS B 164 28.87 -10.31 -17.47
N LEU B 165 28.85 -9.04 -17.86
CA LEU B 165 27.70 -8.41 -18.48
C LEU B 165 27.94 -8.16 -19.95
N SER B 166 26.85 -7.91 -20.67
CA SER B 166 26.89 -7.57 -22.08
C SER B 166 25.89 -6.44 -22.33
N TRP B 167 26.39 -5.28 -22.75
CA TRP B 167 25.57 -4.10 -22.88
C TRP B 167 24.94 -4.01 -24.27
N GLU B 168 23.83 -3.28 -24.35
CA GLU B 168 23.11 -3.12 -25.61
C GLU B 168 23.78 -2.05 -26.45
N VAL B 169 23.97 -2.34 -27.74
CA VAL B 169 24.67 -1.43 -28.62
C VAL B 169 23.81 -0.20 -28.91
N GLY B 170 24.47 0.92 -29.18
CA GLY B 170 23.79 2.14 -29.58
C GLY B 170 23.12 2.91 -28.47
N LYS B 171 23.28 2.49 -27.22
CA LYS B 171 22.69 3.19 -26.09
C LYS B 171 23.68 3.21 -24.93
N PRO B 172 23.74 4.32 -24.18
CA PRO B 172 24.82 4.49 -23.19
C PRO B 172 24.72 3.54 -22.00
N ARG B 173 25.72 3.60 -21.12
CA ARG B 173 25.85 2.72 -19.96
C ARG B 173 25.63 3.50 -18.67
N PRO B 174 24.87 2.95 -17.73
CA PRO B 174 24.74 3.59 -16.41
C PRO B 174 25.95 3.25 -15.54
N PRO B 175 26.37 4.16 -14.68
CA PRO B 175 27.50 3.87 -13.79
C PRO B 175 27.14 2.75 -12.81
N LEU B 176 27.98 1.73 -12.77
CA LEU B 176 27.71 0.55 -11.95
C LEU B 176 28.13 0.85 -10.50
N ASN B 177 27.15 1.18 -9.67
CA ASN B 177 27.37 1.48 -8.27
C ASN B 177 26.17 0.98 -7.47
N ARG B 178 26.07 1.42 -6.21
CA ARG B 178 24.91 1.12 -5.39
C ARG B 178 23.78 2.13 -5.57
N ASN B 179 24.02 3.21 -6.33
CA ASN B 179 22.98 4.19 -6.56
C ASN B 179 21.94 3.70 -7.56
N TYR B 180 22.38 2.99 -8.60
CA TYR B 180 21.51 2.54 -9.67
C TYR B 180 21.17 1.07 -9.44
N VAL B 181 19.91 0.80 -9.11
CA VAL B 181 19.43 -0.56 -8.88
C VAL B 181 18.70 -1.05 -10.13
N PHE B 182 18.99 -2.28 -10.54
CA PHE B 182 18.41 -2.87 -11.74
C PHE B 182 17.54 -4.06 -11.34
N THR B 183 16.29 -4.03 -11.76
CA THR B 183 15.40 -5.16 -11.53
C THR B 183 15.62 -6.23 -12.60
N GLY B 184 15.85 -7.47 -12.16
CA GLY B 184 16.19 -8.54 -13.08
C GLY B 184 14.99 -9.35 -13.51
N TYR B 185 15.07 -9.87 -14.73
CA TYR B 185 14.01 -10.69 -15.30
C TYR B 185 14.57 -11.96 -15.92
N GLN B 194 10.63 -10.94 -12.92
CA GLN B 194 11.01 -10.04 -11.85
C GLN B 194 11.74 -10.80 -10.74
N ILE B 195 12.92 -11.33 -11.07
CA ILE B 195 13.65 -12.19 -10.15
C ILE B 195 14.40 -11.36 -9.11
N GLY B 196 13.76 -10.33 -8.59
CA GLY B 196 14.34 -9.51 -7.55
C GLY B 196 15.27 -8.44 -8.09
N GLU B 197 15.51 -7.44 -7.25
CA GLU B 197 16.37 -6.32 -7.64
C GLU B 197 17.83 -6.68 -7.45
N TYR B 198 18.70 -6.02 -8.22
CA TYR B 198 20.12 -6.30 -8.20
C TYR B 198 20.91 -5.00 -8.24
N THR B 199 22.12 -5.05 -7.67
CA THR B 199 23.07 -3.96 -7.73
C THR B 199 24.42 -4.50 -8.20
N PHE B 200 25.17 -3.65 -8.88
CA PHE B 200 26.45 -4.05 -9.46
C PHE B 200 27.58 -3.18 -8.93
N GLU B 201 28.77 -3.77 -8.86
CA GLU B 201 30.00 -3.05 -8.56
C GLU B 201 31.12 -3.66 -9.39
N LYS B 202 31.76 -2.83 -10.23
CA LYS B 202 32.78 -3.31 -11.15
C LYS B 202 33.99 -3.89 -10.43
N ASP B 207 36.75 -6.94 -17.05
CA ASP B 207 35.38 -7.29 -17.44
C ASP B 207 34.50 -7.55 -16.22
N ALA B 208 35.09 -8.18 -15.21
CA ALA B 208 34.33 -8.73 -14.11
C ALA B 208 33.53 -7.66 -13.37
N VAL B 209 32.31 -8.03 -12.97
CA VAL B 209 31.44 -7.18 -12.17
C VAL B 209 30.88 -8.03 -11.03
N VAL B 210 30.51 -7.36 -9.94
CA VAL B 210 30.04 -8.01 -8.73
C VAL B 210 28.55 -7.74 -8.58
N TYR B 211 27.74 -8.80 -8.63
CA TYR B 211 26.29 -8.66 -8.52
C TYR B 211 25.84 -9.00 -7.10
N ARG B 212 24.95 -8.16 -6.56
CA ARG B 212 24.41 -8.31 -5.21
C ARG B 212 22.89 -8.29 -5.31
N GLY B 213 22.30 -9.47 -5.49
CA GLY B 213 20.86 -9.56 -5.62
C GLY B 213 20.18 -9.48 -4.26
N THR B 214 19.19 -8.59 -4.16
CA THR B 214 18.39 -8.51 -2.93
C THR B 214 17.65 -9.82 -2.68
N THR B 215 17.39 -10.59 -3.72
CA THR B 215 16.85 -11.94 -3.62
C THR B 215 17.91 -12.94 -4.05
N THR B 216 18.03 -14.03 -3.31
CA THR B 216 18.99 -15.08 -3.63
C THR B 216 18.38 -15.99 -4.70
N TYR B 217 18.93 -15.94 -5.91
CA TYR B 217 18.37 -16.70 -7.02
C TYR B 217 19.49 -17.07 -7.99
N LYS B 218 19.50 -18.33 -8.43
CA LYS B 218 20.45 -18.78 -9.43
C LYS B 218 20.19 -18.07 -10.75
N LEU B 219 20.76 -16.88 -10.92
CA LEU B 219 20.54 -16.08 -12.11
C LEU B 219 21.02 -16.83 -13.35
N ASN B 220 20.09 -17.13 -14.24
CA ASN B 220 20.42 -17.89 -15.44
C ASN B 220 21.14 -17.02 -16.46
N VAL B 221 21.80 -17.68 -17.41
CA VAL B 221 22.35 -16.99 -18.56
C VAL B 221 21.22 -16.59 -19.49
N GLY B 222 21.26 -15.36 -19.98
CA GLY B 222 20.19 -14.80 -20.78
C GLY B 222 19.25 -13.90 -20.02
N ASP B 223 19.22 -14.01 -18.69
CA ASP B 223 18.45 -13.06 -17.90
C ASP B 223 19.05 -11.67 -18.04
N TYR B 224 18.18 -10.67 -18.07
CA TYR B 224 18.59 -9.29 -18.27
C TYR B 224 18.08 -8.42 -17.13
N PHE B 225 18.80 -7.34 -16.85
CA PHE B 225 18.50 -6.42 -15.77
C PHE B 225 18.13 -5.06 -16.35
N VAL B 226 17.02 -4.49 -15.88
CA VAL B 226 16.51 -3.22 -16.36
C VAL B 226 16.22 -2.31 -15.18
N LEU B 227 16.44 -1.01 -15.38
CA LEU B 227 16.06 -0.01 -14.38
C LEU B 227 14.55 0.05 -14.25
N THR B 228 14.04 -0.29 -13.07
CA THR B 228 12.59 -0.35 -12.84
C THR B 228 12.06 1.06 -12.67
N SER B 229 11.62 1.65 -13.78
CA SER B 229 11.03 2.98 -13.73
C SER B 229 9.63 2.94 -13.13
N HIS B 230 9.35 3.87 -12.24
CA HIS B 230 8.07 3.94 -11.55
C HIS B 230 7.30 5.15 -12.02
N THR B 231 6.01 4.98 -12.29
CA THR B 231 5.18 6.08 -12.78
C THR B 231 5.05 7.16 -11.72
N VAL B 232 4.99 8.41 -12.17
CA VAL B 232 4.98 9.57 -11.29
C VAL B 232 3.54 9.93 -10.95
N MET B 233 3.19 9.82 -9.68
CA MET B 233 1.88 10.24 -9.19
C MET B 233 1.83 11.76 -9.09
N PRO B 234 0.67 12.36 -9.35
CA PRO B 234 0.55 13.82 -9.21
C PRO B 234 0.63 14.24 -7.76
N LEU B 235 1.01 15.51 -7.57
CA LEU B 235 1.21 16.08 -6.25
C LEU B 235 -0.01 16.91 -5.86
N SER B 236 -0.50 16.68 -4.64
CA SER B 236 -1.69 17.37 -4.14
C SER B 236 -1.37 18.22 -2.91
N ALA B 237 -0.82 17.62 -1.86
CA ALA B 237 -0.52 18.38 -0.66
C ALA B 237 0.74 19.22 -0.86
N PRO B 238 0.85 20.35 -0.17
CA PRO B 238 2.02 21.22 -0.36
C PRO B 238 3.27 20.63 0.28
N THR B 239 4.40 21.31 0.03
CA THR B 239 5.65 20.94 0.68
C THR B 239 5.58 21.20 2.18
N LEU B 240 5.22 22.42 2.57
CA LEU B 240 4.99 22.79 3.95
C LEU B 240 3.53 23.19 4.12
N VAL B 241 2.88 22.63 5.14
CA VAL B 241 1.57 23.14 5.55
C VAL B 241 1.81 24.53 6.12
N PRO B 242 0.87 25.46 5.99
CA PRO B 242 1.12 26.82 6.46
C PRO B 242 1.39 26.85 7.95
N GLN B 243 2.31 27.73 8.35
CA GLN B 243 2.82 27.76 9.72
C GLN B 243 1.80 28.42 10.64
N GLU B 244 1.18 27.63 11.51
CA GLU B 244 0.33 28.15 12.56
C GLU B 244 1.16 28.36 13.83
N HIS B 245 1.03 29.54 14.42
CA HIS B 245 1.72 29.88 15.66
C HIS B 245 0.70 30.03 16.77
N TYR B 246 0.84 29.24 17.83
CA TYR B 246 -0.07 29.24 18.96
C TYR B 246 0.60 29.90 20.16
N VAL B 247 -0.23 30.16 21.18
CA VAL B 247 0.27 30.69 22.45
C VAL B 247 0.29 29.63 23.54
N ARG B 248 -0.30 28.47 23.32
CA ARG B 248 -0.30 27.38 24.28
C ARG B 248 -0.06 26.07 23.54
N ILE B 249 0.36 25.06 24.29
CA ILE B 249 0.63 23.73 23.73
C ILE B 249 -0.66 23.16 23.16
N THR B 250 -0.69 22.95 21.86
CA THR B 250 -1.89 22.56 21.14
C THR B 250 -1.93 21.04 20.93
N GLY B 251 -3.03 20.42 21.35
CA GLY B 251 -3.29 19.03 21.03
C GLY B 251 -2.35 18.01 21.63
N LEU B 252 -1.62 18.38 22.67
CA LEU B 252 -0.67 17.46 23.30
C LEU B 252 -0.72 17.65 24.80
N TYR B 253 -0.26 16.63 25.52
CA TYR B 253 -0.25 16.62 26.98
C TYR B 253 1.16 16.29 27.48
N PRO B 254 1.89 17.26 28.01
CA PRO B 254 3.27 16.98 28.44
C PRO B 254 3.35 16.18 29.73
N THR B 255 4.57 15.93 30.20
CA THR B 255 4.82 15.23 31.45
C THR B 255 5.52 16.16 32.42
N LEU B 256 5.37 15.87 33.72
CA LEU B 256 6.11 16.53 34.78
C LEU B 256 7.10 15.56 35.42
N ASN B 257 7.56 14.56 34.66
CA ASN B 257 8.46 13.54 35.17
C ASN B 257 9.43 13.06 34.08
N ILE B 258 9.84 13.94 33.18
CA ILE B 258 10.75 13.58 32.10
C ILE B 258 12.15 13.38 32.67
N SER B 259 12.77 12.25 32.32
CA SER B 259 14.08 11.93 32.87
C SER B 259 15.09 13.02 32.52
N ASP B 260 15.96 13.33 33.48
CA ASP B 260 16.92 14.42 33.33
C ASP B 260 17.78 14.28 32.08
N GLU B 261 17.88 13.06 31.53
CA GLU B 261 18.58 12.84 30.27
C GLU B 261 17.99 13.67 29.14
N PHE B 262 16.71 14.05 29.22
CA PHE B 262 16.04 14.83 28.19
C PHE B 262 15.64 16.22 28.67
N SER B 263 16.03 16.61 29.88
CA SER B 263 15.57 17.87 30.44
C SER B 263 16.13 19.09 29.72
N SER B 264 17.26 18.94 29.02
CA SER B 264 17.86 20.07 28.32
C SER B 264 17.17 20.37 26.99
N ASN B 265 16.09 19.66 26.66
CA ASN B 265 15.37 19.87 25.41
C ASN B 265 13.92 20.30 25.63
N VAL B 266 13.53 20.58 26.88
CA VAL B 266 12.13 20.88 27.15
C VAL B 266 11.75 22.26 26.63
N ALA B 267 12.71 23.19 26.56
CA ALA B 267 12.43 24.51 26.01
C ALA B 267 12.25 24.49 24.50
N ASN B 268 12.26 23.32 23.89
CA ASN B 268 12.02 23.18 22.46
C ASN B 268 10.90 22.18 22.22
N TYR B 269 10.73 21.21 23.12
CA TYR B 269 9.55 20.37 23.09
C TYR B 269 8.29 21.19 23.29
N GLN B 270 8.38 22.28 24.05
CA GLN B 270 7.26 23.19 24.20
C GLN B 270 7.13 24.15 23.03
N LYS B 271 8.18 24.29 22.21
CA LYS B 271 8.05 25.04 20.96
C LYS B 271 7.44 24.20 19.86
N VAL B 272 7.73 22.89 19.86
CA VAL B 272 7.08 21.99 18.92
C VAL B 272 5.57 22.02 19.09
N GLY B 273 5.10 22.07 20.33
CA GLY B 273 3.67 22.08 20.61
C GLY B 273 2.99 23.42 20.40
N MET B 274 3.75 24.51 20.42
CA MET B 274 3.21 25.84 20.18
C MET B 274 3.39 26.29 18.74
N GLN B 275 3.51 25.35 17.80
CA GLN B 275 3.66 25.66 16.39
C GLN B 275 3.02 24.55 15.57
N LYS B 276 2.95 24.78 14.26
CA LYS B 276 2.49 23.76 13.33
C LYS B 276 3.65 22.85 12.97
N TYR B 277 4.52 23.30 12.06
CA TYR B 277 5.75 22.57 11.76
C TYR B 277 6.92 23.20 12.51
N SER B 278 7.99 22.41 12.65
CA SER B 278 9.18 22.85 13.36
C SER B 278 10.43 22.39 12.62
N THR B 279 11.42 23.26 12.57
CA THR B 279 12.70 22.97 11.92
C THR B 279 13.80 22.87 12.97
N LEU B 280 14.63 21.84 12.85
CA LEU B 280 15.74 21.60 13.78
C LEU B 280 17.00 21.31 12.98
N GLN B 281 18.01 22.17 13.12
CA GLN B 281 19.30 21.95 12.49
C GLN B 281 20.21 21.25 13.49
N GLY B 282 20.74 20.09 13.10
CA GLY B 282 21.59 19.31 13.97
C GLY B 282 22.86 18.85 13.31
N PRO B 283 23.97 19.53 13.60
CA PRO B 283 25.28 19.09 13.13
C PRO B 283 25.56 17.66 13.55
N PRO B 284 26.57 17.01 12.97
CA PRO B 284 26.78 15.58 13.26
C PRO B 284 27.03 15.33 14.75
N GLY B 285 26.37 14.30 15.27
CA GLY B 285 26.57 13.92 16.66
C GLY B 285 26.11 14.95 17.66
N THR B 286 25.02 15.66 17.37
CA THR B 286 24.50 16.68 18.28
C THR B 286 23.30 16.21 19.08
N GLY B 287 22.73 15.04 18.76
CA GLY B 287 21.61 14.53 19.51
C GLY B 287 20.27 14.69 18.83
N LYS B 288 20.23 14.49 17.51
CA LYS B 288 18.96 14.58 16.79
C LYS B 288 18.08 13.35 17.07
N SER B 289 18.65 12.16 16.88
CA SER B 289 17.92 10.93 17.21
C SER B 289 17.52 10.91 18.68
N HIS B 290 18.36 11.47 19.56
CA HIS B 290 18.00 11.62 20.96
C HIS B 290 16.83 12.59 21.12
N PHE B 291 16.85 13.69 20.36
CA PHE B 291 15.80 14.70 20.47
C PHE B 291 14.47 14.16 19.99
N ALA B 292 14.47 13.42 18.88
CA ALA B 292 13.22 12.94 18.30
C ALA B 292 12.55 11.89 19.19
N ILE B 293 13.33 10.93 19.69
CA ILE B 293 12.76 9.94 20.59
C ILE B 293 12.44 10.56 21.94
N GLY B 294 13.23 11.54 22.37
CA GLY B 294 12.93 12.28 23.58
C GLY B 294 11.70 13.16 23.48
N LEU B 295 11.19 13.38 22.26
CA LEU B 295 9.93 14.08 22.08
C LEU B 295 8.73 13.20 22.42
N ALA B 296 8.85 11.88 22.21
CA ALA B 296 7.78 10.97 22.56
C ALA B 296 7.67 10.78 24.06
N LEU B 297 8.80 10.89 24.77
CA LEU B 297 8.79 10.76 26.23
C LEU B 297 8.28 12.02 26.92
N TYR B 298 8.36 13.17 26.25
CA TYR B 298 7.77 14.40 26.80
C TYR B 298 6.26 14.44 26.57
N TYR B 299 5.80 13.89 25.45
CA TYR B 299 4.38 13.74 25.17
C TYR B 299 4.06 12.26 25.09
N PRO B 300 3.94 11.57 26.22
CA PRO B 300 3.80 10.10 26.18
C PRO B 300 2.43 9.64 25.72
N SER B 301 1.40 10.47 25.86
CA SER B 301 0.07 10.10 25.39
C SER B 301 -0.03 10.11 23.87
N ALA B 302 0.86 10.84 23.20
CA ALA B 302 0.72 11.06 21.76
C ALA B 302 1.16 9.84 20.96
N ARG B 303 0.55 9.67 19.79
CA ARG B 303 0.97 8.70 18.81
C ARG B 303 1.85 9.39 17.78
N ILE B 304 3.05 8.88 17.56
CA ILE B 304 4.04 9.54 16.73
C ILE B 304 4.44 8.62 15.60
N VAL B 305 4.54 9.18 14.40
CA VAL B 305 5.04 8.48 13.21
C VAL B 305 6.42 9.04 12.88
N TYR B 306 7.40 8.14 12.78
CA TYR B 306 8.75 8.51 12.40
C TYR B 306 8.99 8.10 10.96
N THR B 307 9.42 9.05 10.13
CA THR B 307 9.56 8.81 8.70
C THR B 307 10.84 9.44 8.17
N ALA B 308 11.40 8.80 7.14
CA ALA B 308 12.58 9.29 6.45
C ALA B 308 12.59 8.70 5.05
N CYS B 309 13.50 9.20 4.21
CA CYS B 309 13.55 8.76 2.82
C CYS B 309 14.07 7.33 2.70
N SER B 310 15.15 7.01 3.41
CA SER B 310 15.81 5.72 3.27
C SER B 310 15.47 4.80 4.44
N HIS B 311 15.81 3.53 4.27
CA HIS B 311 15.56 2.55 5.33
C HIS B 311 16.54 2.69 6.48
N ALA B 312 17.76 3.15 6.21
CA ALA B 312 18.77 3.27 7.26
C ALA B 312 18.40 4.37 8.24
N ALA B 313 17.98 5.54 7.74
CA ALA B 313 17.61 6.64 8.61
C ALA B 313 16.41 6.27 9.49
N VAL B 314 15.49 5.45 8.97
CA VAL B 314 14.39 4.96 9.79
C VAL B 314 14.88 3.90 10.77
N ASP B 315 15.73 2.98 10.31
CA ASP B 315 16.33 2.01 11.21
C ASP B 315 17.22 2.67 12.26
N ALA B 316 17.69 3.89 11.99
CA ALA B 316 18.43 4.63 13.01
C ALA B 316 17.52 5.07 14.15
N LEU B 317 16.31 5.52 13.81
CA LEU B 317 15.37 5.91 14.86
C LEU B 317 14.79 4.69 15.57
N CYS B 318 14.76 3.54 14.90
CA CYS B 318 14.27 2.33 15.55
C CYS B 318 15.19 1.87 16.67
N GLU B 319 16.51 2.08 16.52
CA GLU B 319 17.44 1.71 17.59
C GLU B 319 17.35 2.68 18.75
N LYS B 320 17.27 3.99 18.46
CA LYS B 320 17.08 4.97 19.51
C LYS B 320 15.72 4.83 20.19
N ALA B 321 14.78 4.12 19.57
CA ALA B 321 13.49 3.85 20.18
C ALA B 321 13.51 2.57 21.02
N LEU B 322 14.25 1.55 20.58
CA LEU B 322 14.37 0.33 21.36
C LEU B 322 14.98 0.60 22.72
N LYS B 323 15.76 1.68 22.85
CA LYS B 323 16.38 1.99 24.13
C LYS B 323 15.38 2.60 25.11
N TYR B 324 14.60 3.58 24.65
CA TYR B 324 13.78 4.39 25.54
C TYR B 324 12.28 4.12 25.46
N LEU B 325 11.81 3.49 24.40
CA LEU B 325 10.36 3.33 24.27
C LEU B 325 9.96 1.86 24.40
N PRO B 326 8.75 1.59 24.88
CA PRO B 326 8.30 0.20 24.99
C PRO B 326 8.24 -0.47 23.62
N ILE B 327 8.59 -1.76 23.61
CA ILE B 327 8.63 -2.52 22.36
C ILE B 327 7.26 -3.00 21.92
N ASP B 328 6.23 -2.84 22.77
CA ASP B 328 4.89 -3.29 22.42
C ASP B 328 4.12 -2.27 21.59
N LYS B 329 4.52 -1.01 21.61
CA LYS B 329 3.84 0.03 20.85
C LYS B 329 4.66 0.53 19.67
N CYS B 330 5.64 -0.24 19.22
CA CYS B 330 6.48 0.12 18.08
C CYS B 330 6.25 -0.85 16.94
N SER B 331 6.19 -0.32 15.72
CA SER B 331 5.96 -1.12 14.53
C SER B 331 6.76 -0.57 13.38
N ARG B 332 7.59 -1.41 12.77
CA ARG B 332 8.38 -1.04 11.60
C ARG B 332 7.60 -1.45 10.35
N ILE B 333 7.28 -0.47 9.51
CA ILE B 333 6.45 -0.70 8.32
C ILE B 333 7.38 -1.05 7.17
N ILE B 334 7.30 -2.27 6.69
CA ILE B 334 8.09 -2.76 5.57
C ILE B 334 7.16 -2.99 4.38
N PRO B 335 7.47 -2.44 3.21
CA PRO B 335 6.61 -2.70 2.04
C PRO B 335 6.64 -4.16 1.65
N ALA B 336 5.53 -4.62 1.06
CA ALA B 336 5.46 -5.99 0.57
C ALA B 336 6.55 -6.27 -0.46
N ARG B 337 7.02 -5.23 -1.16
CA ARG B 337 8.18 -5.33 -2.04
C ARG B 337 9.43 -4.93 -1.26
N ALA B 338 9.78 -5.77 -0.30
CA ALA B 338 10.92 -5.51 0.57
C ALA B 338 12.21 -5.57 -0.24
N ARG B 339 13.01 -4.51 -0.16
CA ARG B 339 14.21 -4.37 -0.96
C ARG B 339 15.50 -4.50 -0.16
N VAL B 340 15.48 -4.20 1.13
CA VAL B 340 16.64 -4.35 2.01
C VAL B 340 16.18 -4.97 3.33
N GLU B 341 17.16 -5.27 4.18
CA GLU B 341 16.89 -5.78 5.51
C GLU B 341 16.66 -4.61 6.47
N CYS B 342 15.58 -4.68 7.23
CA CYS B 342 15.15 -3.58 8.10
C CYS B 342 15.23 -4.00 9.55
N PHE B 343 14.75 -3.11 10.43
CA PHE B 343 14.73 -3.36 11.86
C PHE B 343 13.80 -4.52 12.18
N ASP B 344 14.33 -5.53 12.86
CA ASP B 344 13.64 -6.80 13.06
C ASP B 344 13.05 -6.97 14.45
N LYS B 345 13.34 -6.07 15.39
CA LYS B 345 12.95 -6.31 16.78
C LYS B 345 11.49 -5.98 17.05
N PHE B 346 10.91 -5.05 16.30
CA PHE B 346 9.53 -4.65 16.52
C PHE B 346 8.57 -5.63 15.86
N LYS B 347 7.28 -5.36 16.01
CA LYS B 347 6.26 -6.03 15.20
C LYS B 347 6.18 -5.35 13.84
N VAL B 348 5.90 -6.15 12.81
CA VAL B 348 6.00 -5.70 11.42
C VAL B 348 4.62 -5.34 10.90
N ASN B 349 4.51 -4.15 10.31
CA ASN B 349 3.33 -3.70 9.56
C ASN B 349 2.07 -3.61 10.42
N SER B 350 2.22 -3.36 11.72
CA SER B 350 1.07 -3.09 12.59
C SER B 350 0.86 -1.57 12.58
N THR B 351 0.03 -1.12 11.65
CA THR B 351 -0.10 0.32 11.39
C THR B 351 -0.69 1.09 12.56
N LEU B 352 -1.36 0.42 13.49
CA LEU B 352 -2.10 1.10 14.53
C LEU B 352 -1.31 1.31 15.82
N GLU B 353 -0.09 0.77 15.92
CA GLU B 353 0.70 0.94 17.13
C GLU B 353 1.04 2.40 17.35
N GLN B 354 1.22 2.77 18.62
CA GLN B 354 1.42 4.17 18.97
C GLN B 354 2.65 4.76 18.31
N TYR B 355 3.67 3.95 18.07
CA TYR B 355 4.91 4.40 17.43
C TYR B 355 5.12 3.62 16.14
N VAL B 356 5.23 4.33 15.02
CA VAL B 356 5.30 3.74 13.70
C VAL B 356 6.52 4.29 12.98
N PHE B 357 7.36 3.41 12.47
CA PHE B 357 8.57 3.78 11.74
C PHE B 357 8.43 3.30 10.30
N CYS B 358 8.43 4.23 9.36
CA CYS B 358 8.16 3.89 7.97
C CYS B 358 8.88 4.87 7.06
N THR B 359 9.35 4.37 5.91
CA THR B 359 9.93 5.24 4.92
C THR B 359 8.84 6.02 4.18
N VAL B 360 9.26 7.10 3.53
CA VAL B 360 8.31 8.02 2.90
C VAL B 360 7.51 7.31 1.82
N ASN B 361 8.19 6.54 0.97
CA ASN B 361 7.55 5.87 -0.16
C ASN B 361 6.87 4.56 0.24
N ALA B 362 6.65 4.34 1.54
CA ALA B 362 5.85 3.22 2.01
C ALA B 362 4.78 3.65 3.00
N LEU B 363 4.59 4.95 3.18
CA LEU B 363 3.63 5.45 4.17
C LEU B 363 2.21 5.08 3.77
N PRO B 364 1.39 4.64 4.71
CA PRO B 364 -0.05 4.55 4.48
C PRO B 364 -0.71 5.91 4.71
N GLU B 365 -2.02 5.95 4.54
CA GLU B 365 -2.80 7.14 4.83
C GLU B 365 -3.36 7.04 6.24
N THR B 366 -2.86 7.88 7.13
CA THR B 366 -3.27 7.85 8.54
C THR B 366 -3.06 9.23 9.14
N THR B 367 -3.51 9.36 10.39
CA THR B 367 -3.37 10.59 11.16
C THR B 367 -2.47 10.34 12.36
N ALA B 368 -2.01 11.43 12.98
CA ALA B 368 -1.11 11.33 14.12
C ALA B 368 -1.14 12.65 14.89
N ASP B 369 -0.52 12.62 16.07
CA ASP B 369 -0.33 13.82 16.87
C ASP B 369 0.98 14.52 16.52
N ILE B 370 2.05 13.75 16.32
CA ILE B 370 3.35 14.28 15.93
C ILE B 370 3.89 13.39 14.81
N VAL B 371 4.36 14.01 13.73
CA VAL B 371 5.07 13.31 12.66
C VAL B 371 6.47 13.90 12.58
N VAL B 372 7.47 13.04 12.74
CA VAL B 372 8.88 13.46 12.73
C VAL B 372 9.49 13.01 11.42
N PHE B 373 10.04 13.96 10.67
CA PHE B 373 10.71 13.71 9.40
C PHE B 373 12.21 13.93 9.60
N ASP B 374 12.98 12.87 9.44
CA ASP B 374 14.41 12.89 9.69
C ASP B 374 15.19 13.07 8.40
N GLU B 375 16.45 13.50 8.54
CA GLU B 375 17.39 13.66 7.43
C GLU B 375 16.79 14.54 6.34
N ILE B 376 16.41 15.76 6.75
CA ILE B 376 15.70 16.67 5.87
C ILE B 376 16.55 17.19 4.71
N SER B 377 17.87 16.96 4.76
CA SER B 377 18.72 17.33 3.63
C SER B 377 18.57 16.36 2.47
N MET B 378 18.36 15.08 2.74
CA MET B 378 18.21 14.05 1.72
C MET B 378 16.80 13.95 1.17
N ALA B 379 15.99 15.01 1.31
CA ALA B 379 14.61 15.00 0.87
C ALA B 379 14.40 16.03 -0.22
N THR B 380 13.61 15.68 -1.22
CA THR B 380 13.20 16.58 -2.28
C THR B 380 11.83 17.17 -1.96
N ASN B 381 11.46 18.23 -2.69
CA ASN B 381 10.15 18.82 -2.52
C ASN B 381 9.04 17.83 -2.85
N TYR B 382 9.32 16.86 -3.72
CA TYR B 382 8.38 15.78 -3.96
C TYR B 382 8.13 14.97 -2.69
N ASP B 383 9.18 14.75 -1.90
CA ASP B 383 9.03 13.98 -0.67
C ASP B 383 8.31 14.76 0.41
N LEU B 384 8.49 16.09 0.44
CA LEU B 384 7.77 16.91 1.40
C LEU B 384 6.28 16.92 1.14
N SER B 385 5.87 16.71 -0.12
CA SER B 385 4.45 16.69 -0.47
C SER B 385 3.79 15.39 -0.03
N VAL B 386 4.42 14.26 -0.34
CA VAL B 386 3.83 12.96 0.00
C VAL B 386 3.62 12.84 1.51
N VAL B 387 4.52 13.42 2.29
CA VAL B 387 4.38 13.40 3.74
C VAL B 387 3.13 14.16 4.16
N ASN B 388 2.97 15.38 3.65
CA ASN B 388 1.80 16.18 3.98
C ASN B 388 0.51 15.59 3.43
N ALA B 389 0.61 14.72 2.42
CA ALA B 389 -0.59 14.12 1.84
C ALA B 389 -1.04 12.90 2.65
N ARG B 390 -0.17 11.89 2.76
CA ARG B 390 -0.54 10.65 3.43
C ARG B 390 -0.66 10.80 4.95
N LEU B 391 -0.23 11.93 5.52
CA LEU B 391 -0.22 12.10 6.96
C LEU B 391 -0.88 13.43 7.32
N ARG B 392 -1.94 13.37 8.11
CA ARG B 392 -2.60 14.54 8.68
C ARG B 392 -2.29 14.55 10.17
N ALA B 393 -1.45 15.49 10.60
CA ALA B 393 -0.95 15.49 11.96
C ALA B 393 -1.09 16.87 12.59
N LYS B 394 -1.04 16.89 13.92
CA LYS B 394 -1.12 18.16 14.65
C LYS B 394 0.16 18.97 14.52
N HIS B 395 1.31 18.32 14.64
CA HIS B 395 2.59 18.99 14.57
C HIS B 395 3.57 18.16 13.75
N TYR B 396 4.16 18.77 12.73
CA TYR B 396 5.24 18.16 11.96
C TYR B 396 6.58 18.68 12.48
N VAL B 397 7.59 17.81 12.50
CA VAL B 397 8.93 18.19 12.93
C VAL B 397 9.91 17.72 11.88
N TYR B 398 10.70 18.66 11.34
CA TYR B 398 11.69 18.37 10.32
C TYR B 398 13.08 18.48 10.94
N ILE B 399 13.77 17.35 11.00
CA ILE B 399 15.07 17.24 11.67
C ILE B 399 16.13 16.89 10.64
N GLY B 400 17.20 17.69 10.61
CA GLY B 400 18.29 17.44 9.67
C GLY B 400 19.33 18.52 9.77
N ASP B 401 20.06 18.71 8.66
CA ASP B 401 21.11 19.71 8.59
C ASP B 401 21.39 20.07 7.14
N PRO B 402 21.23 21.34 6.74
CA PRO B 402 21.57 21.72 5.36
C PRO B 402 23.05 21.58 5.05
N ALA B 403 23.92 21.62 6.05
CA ALA B 403 25.36 21.50 5.82
C ALA B 403 25.79 20.08 5.50
N GLN B 404 24.86 19.12 5.42
CA GLN B 404 25.21 17.78 5.03
C GLN B 404 24.78 17.52 3.58
N LEU B 405 24.52 16.26 3.24
CA LEU B 405 24.41 15.98 1.81
C LEU B 405 22.97 15.87 1.38
N PRO B 406 22.68 16.29 0.14
CA PRO B 406 21.36 16.07 -0.44
C PRO B 406 21.32 14.78 -1.25
N ALA B 407 20.10 14.37 -1.56
CA ALA B 407 19.90 13.23 -2.45
C ALA B 407 20.37 13.60 -3.86
N PRO B 408 20.90 12.63 -4.62
CA PRO B 408 21.49 12.96 -5.93
C PRO B 408 20.46 13.47 -6.92
N ARG B 409 20.78 14.60 -7.57
CA ARG B 409 20.02 15.09 -8.71
C ARG B 409 20.64 14.50 -9.96
N THR B 410 20.24 13.25 -10.27
CA THR B 410 20.89 12.48 -11.32
C THR B 410 20.83 13.17 -12.69
N LEU B 411 19.88 14.09 -12.89
CA LEU B 411 19.81 14.82 -14.15
C LEU B 411 20.58 16.12 -14.12
N LEU B 412 21.21 16.46 -13.00
CA LEU B 412 21.93 17.72 -12.85
C LEU B 412 23.41 17.52 -13.16
N THR B 413 23.92 18.26 -14.14
CA THR B 413 25.33 18.19 -14.52
C THR B 413 26.02 19.54 -14.61
N LYS B 414 25.29 20.64 -14.76
CA LYS B 414 25.86 21.97 -14.96
C LYS B 414 25.48 22.87 -13.78
N GLY B 415 26.45 23.13 -12.90
CA GLY B 415 26.24 24.02 -11.78
C GLY B 415 26.22 23.25 -10.45
N THR B 416 26.44 24.02 -9.38
CA THR B 416 26.43 23.47 -8.03
C THR B 416 25.12 23.84 -7.33
N LEU B 417 24.56 22.87 -6.60
CA LEU B 417 23.29 23.03 -5.90
C LEU B 417 23.58 23.38 -4.45
N GLU B 418 23.37 24.64 -4.08
CA GLU B 418 23.67 25.10 -2.74
C GLU B 418 22.60 24.62 -1.75
N PRO B 419 22.95 24.48 -0.47
CA PRO B 419 21.98 23.97 0.50
C PRO B 419 20.73 24.81 0.66
N GLU B 420 20.78 26.11 0.35
CA GLU B 420 19.52 26.86 0.46
C GLU B 420 18.57 26.58 -0.70
N TYR B 421 18.85 25.57 -1.51
CA TYR B 421 17.95 25.15 -2.59
C TYR B 421 17.69 23.65 -2.57
N PHE B 422 18.05 22.97 -1.48
CA PHE B 422 17.80 21.53 -1.40
C PHE B 422 16.30 21.25 -1.41
N ASN B 423 15.55 21.93 -0.56
CA ASN B 423 14.10 21.80 -0.50
C ASN B 423 13.54 23.02 0.22
N SER B 424 12.25 22.96 0.56
CA SER B 424 11.62 24.09 1.24
C SER B 424 12.12 24.22 2.67
N VAL B 425 12.30 23.10 3.36
CA VAL B 425 12.75 23.16 4.75
C VAL B 425 14.19 23.65 4.84
N CYS B 426 15.06 23.17 3.94
CA CYS B 426 16.45 23.62 3.97
C CYS B 426 16.58 25.08 3.58
N ARG B 427 15.73 25.55 2.68
CA ARG B 427 15.76 26.96 2.30
C ARG B 427 15.35 27.85 3.46
N LEU B 428 14.46 27.38 4.34
CA LEU B 428 14.13 28.14 5.53
C LEU B 428 15.30 28.12 6.52
N MET B 429 15.94 26.96 6.71
CA MET B 429 17.07 26.85 7.62
C MET B 429 18.24 27.71 7.21
N LYS B 430 18.35 28.04 5.92
CA LYS B 430 19.47 28.83 5.42
C LYS B 430 19.13 30.30 5.21
N THR B 431 17.86 30.68 5.34
CA THR B 431 17.45 32.07 5.17
C THR B 431 17.06 32.69 6.52
N ILE B 432 15.97 32.24 7.13
CA ILE B 432 15.57 32.78 8.42
C ILE B 432 16.15 31.98 9.57
N GLY B 433 16.99 30.99 9.27
CA GLY B 433 17.52 30.13 10.29
C GLY B 433 16.48 29.14 10.79
N PRO B 434 16.94 28.06 11.40
CA PRO B 434 16.01 27.08 11.96
C PRO B 434 15.41 27.56 13.28
N ASP B 435 14.30 26.92 13.66
CA ASP B 435 13.71 27.23 14.96
C ASP B 435 14.61 26.77 16.08
N MET B 436 15.28 25.64 15.91
CA MET B 436 16.14 25.05 16.92
C MET B 436 17.48 24.67 16.30
N PHE B 437 18.51 24.62 17.13
CA PHE B 437 19.86 24.31 16.65
C PHE B 437 20.63 23.66 17.78
N LEU B 438 20.86 22.36 17.67
CA LEU B 438 21.72 21.65 18.63
C LEU B 438 23.18 22.03 18.36
N GLY B 439 23.84 22.64 19.34
CA GLY B 439 25.13 23.24 19.10
C GLY B 439 26.35 22.58 19.72
N THR B 440 26.18 21.44 20.38
CA THR B 440 27.28 20.73 21.00
C THR B 440 27.40 19.34 20.38
N CYS B 441 28.60 19.03 19.88
CA CYS B 441 28.88 17.73 19.29
C CYS B 441 29.52 16.83 20.34
N ARG B 442 28.94 15.66 20.56
CA ARG B 442 29.40 14.69 21.54
C ARG B 442 29.91 13.42 20.86
N ARG B 443 30.51 13.55 19.69
CA ARG B 443 31.04 12.41 18.97
C ARG B 443 32.46 12.66 18.48
N CYS B 444 32.67 13.79 17.81
CA CYS B 444 33.95 13.98 17.15
C CYS B 444 34.93 14.71 18.06
N PRO B 445 36.22 14.37 17.95
CA PRO B 445 37.24 15.09 18.72
C PRO B 445 37.27 16.57 18.34
N ALA B 446 37.86 17.37 19.23
CA ALA B 446 37.83 18.82 19.08
C ALA B 446 38.42 19.27 17.75
N GLU B 447 39.49 18.60 17.30
CA GLU B 447 40.12 19.01 16.03
C GLU B 447 39.14 18.89 14.87
N ILE B 448 38.29 17.87 14.90
CA ILE B 448 37.26 17.73 13.86
C ILE B 448 36.19 18.80 14.02
N VAL B 449 35.68 18.96 15.25
CA VAL B 449 34.60 19.92 15.49
C VAL B 449 35.07 21.33 15.21
N ASP B 450 36.30 21.66 15.61
CA ASP B 450 36.86 22.98 15.34
C ASP B 450 37.03 23.23 13.85
N THR B 451 37.01 22.18 13.02
CA THR B 451 37.19 22.32 11.58
C THR B 451 35.87 22.64 10.88
N VAL B 452 34.85 21.80 11.09
CA VAL B 452 33.58 21.99 10.40
C VAL B 452 32.86 23.24 10.92
N SER B 453 33.04 23.59 12.19
CA SER B 453 32.32 24.70 12.77
C SER B 453 32.63 26.00 12.03
N ALA B 454 33.89 26.19 11.63
CA ALA B 454 34.25 27.34 10.83
C ALA B 454 33.95 27.11 9.35
N LEU B 455 33.89 25.85 8.92
CA LEU B 455 33.72 25.55 7.50
C LEU B 455 32.29 25.83 7.04
N VAL B 456 31.30 25.50 7.87
CA VAL B 456 29.91 25.53 7.43
C VAL B 456 29.02 26.19 8.46
N TYR B 457 29.38 26.09 9.74
CA TYR B 457 28.49 26.45 10.84
C TYR B 457 28.75 27.84 11.41
N ASP B 458 29.62 28.62 10.76
CA ASP B 458 29.95 29.98 11.23
C ASP B 458 30.36 29.98 12.69
N ASN B 459 31.17 28.99 13.07
CA ASN B 459 31.76 28.85 14.39
C ASN B 459 30.75 28.61 15.50
N LYS B 460 29.51 28.26 15.17
CA LYS B 460 28.47 28.10 16.18
C LYS B 460 28.43 26.70 16.78
N LEU B 461 29.12 25.72 16.18
CA LEU B 461 29.14 24.36 16.70
C LEU B 461 30.25 24.23 17.72
N LYS B 462 29.88 23.87 18.95
CA LYS B 462 30.84 23.72 20.05
C LYS B 462 31.19 22.26 20.25
N ALA B 463 32.39 22.02 20.77
CA ALA B 463 32.93 20.68 20.93
C ALA B 463 32.86 20.27 22.40
N HIS B 464 32.36 19.06 22.64
CA HIS B 464 32.34 18.49 23.98
C HIS B 464 33.60 17.68 24.26
N LYS B 465 33.99 16.81 23.33
CA LYS B 465 35.18 16.00 23.52
C LYS B 465 36.44 16.86 23.44
N ASP B 466 37.51 16.34 24.03
CA ASP B 466 38.81 16.98 23.99
C ASP B 466 39.50 16.71 22.66
N LYS B 467 40.56 17.48 22.38
CA LYS B 467 41.43 17.16 21.27
C LYS B 467 41.99 15.75 21.44
N SER B 468 41.73 14.88 20.47
CA SER B 468 42.14 13.49 20.57
C SER B 468 43.62 13.28 20.29
N ALA B 469 44.27 14.20 19.57
CA ALA B 469 45.64 14.04 19.08
C ALA B 469 45.81 12.80 18.21
N GLN B 470 44.70 12.25 17.70
CA GLN B 470 44.73 11.11 16.79
C GLN B 470 44.13 11.45 15.42
N CYS B 471 44.10 12.74 15.07
CA CYS B 471 43.55 13.20 13.80
C CYS B 471 44.68 13.79 12.97
N PHE B 472 44.90 13.23 11.78
CA PHE B 472 46.05 13.59 10.95
C PHE B 472 45.62 13.90 9.53
N LYS B 473 46.17 14.96 8.98
CA LYS B 473 46.04 15.30 7.57
C LYS B 473 47.36 15.04 6.86
N MET B 474 47.29 14.94 5.53
CA MET B 474 48.49 14.72 4.73
C MET B 474 48.21 15.11 3.29
N PHE B 475 48.93 16.10 2.78
CA PHE B 475 48.75 16.56 1.41
C PHE B 475 49.52 15.63 0.48
N TYR B 476 48.79 14.84 -0.33
CA TYR B 476 49.41 13.87 -1.23
C TYR B 476 48.46 13.68 -2.42
N LYS B 477 48.76 14.33 -3.53
CA LYS B 477 47.89 14.25 -4.70
C LYS B 477 47.89 12.85 -5.31
N GLY B 478 49.08 12.34 -5.62
CA GLY B 478 49.17 11.00 -6.20
C GLY B 478 48.84 10.98 -7.68
N VAL B 479 48.36 9.84 -8.13
CA VAL B 479 48.00 9.62 -9.53
C VAL B 479 46.52 9.27 -9.58
N ILE B 480 45.78 9.95 -10.46
CA ILE B 480 44.33 9.77 -10.57
C ILE B 480 44.04 8.96 -11.82
N THR B 481 43.48 7.76 -11.62
CA THR B 481 42.98 6.93 -12.71
C THR B 481 41.49 6.71 -12.49
N HIS B 482 40.76 6.48 -13.59
CA HIS B 482 39.31 6.44 -13.55
C HIS B 482 38.80 5.14 -14.11
N ASP B 483 37.95 4.46 -13.35
CA ASP B 483 37.09 3.40 -13.88
C ASP B 483 35.89 4.09 -14.50
N VAL B 484 35.90 4.21 -15.82
CA VAL B 484 34.96 5.06 -16.57
C VAL B 484 35.11 6.49 -16.08
N SER B 485 34.23 6.91 -15.16
CA SER B 485 34.27 8.25 -14.59
C SER B 485 34.58 8.29 -13.10
N SER B 486 34.22 7.25 -12.35
CA SER B 486 34.59 7.19 -10.94
C SER B 486 36.10 7.05 -10.80
N ALA B 487 36.67 7.81 -9.88
CA ALA B 487 38.12 7.96 -9.82
C ALA B 487 38.77 6.97 -8.86
N ILE B 488 40.04 6.67 -9.14
CA ILE B 488 40.85 5.80 -8.31
C ILE B 488 42.21 6.47 -8.10
N ASN B 489 42.70 6.42 -6.87
CA ASN B 489 44.02 6.97 -6.53
C ASN B 489 44.77 5.92 -5.72
N ARG B 490 45.62 5.15 -6.39
CA ARG B 490 46.41 4.09 -5.79
C ARG B 490 47.62 4.62 -5.02
N PRO B 491 48.31 5.66 -5.49
CA PRO B 491 49.36 6.26 -4.64
C PRO B 491 48.83 6.72 -3.29
N GLN B 492 47.55 7.03 -3.17
CA GLN B 492 47.03 7.39 -1.87
C GLN B 492 46.67 6.17 -1.04
N ILE B 493 46.21 5.09 -1.69
CA ILE B 493 46.02 3.84 -0.97
C ILE B 493 47.37 3.25 -0.59
N GLY B 494 48.42 3.56 -1.34
CA GLY B 494 49.75 3.13 -0.95
C GLY B 494 50.24 3.86 0.29
N VAL B 495 50.05 5.18 0.33
CA VAL B 495 50.38 5.95 1.53
C VAL B 495 49.60 5.44 2.74
N VAL B 496 48.36 5.02 2.53
CA VAL B 496 47.57 4.47 3.62
C VAL B 496 48.12 3.11 4.05
N ARG B 497 48.53 2.28 3.08
CA ARG B 497 49.00 0.94 3.40
C ARG B 497 50.27 0.99 4.25
N GLU B 498 51.15 1.95 3.99
CA GLU B 498 52.34 2.11 4.83
C GLU B 498 51.97 2.64 6.20
N PHE B 499 50.94 3.49 6.28
CA PHE B 499 50.49 4.01 7.56
C PHE B 499 49.93 2.90 8.45
N LEU B 500 49.23 1.93 7.84
CA LEU B 500 48.58 0.89 8.62
C LEU B 500 49.56 -0.01 9.34
N THR B 501 50.78 -0.14 8.81
CA THR B 501 51.80 -0.93 9.49
C THR B 501 52.41 -0.15 10.66
N ARG B 502 52.81 1.09 10.42
CA ARG B 502 53.38 1.93 11.47
C ARG B 502 52.34 2.44 12.46
N ASN B 503 51.06 2.13 12.24
CA ASN B 503 49.99 2.51 13.16
C ASN B 503 49.02 1.34 13.27
N PRO B 504 49.36 0.32 14.06
CA PRO B 504 48.54 -0.90 14.07
C PRO B 504 47.16 -0.71 14.70
N ALA B 505 46.99 0.28 15.57
CA ALA B 505 45.70 0.52 16.19
C ALA B 505 44.64 1.02 15.21
N TRP B 506 45.04 1.32 13.97
CA TRP B 506 44.12 1.75 12.94
C TRP B 506 43.66 0.62 12.02
N ARG B 507 44.06 -0.62 12.30
CA ARG B 507 43.64 -1.74 11.47
C ARG B 507 42.15 -2.02 11.58
N LYS B 508 41.48 -1.46 12.60
CA LYS B 508 40.05 -1.62 12.80
C LYS B 508 39.27 -0.43 12.27
N ALA B 509 39.86 0.38 11.40
CA ALA B 509 39.24 1.60 10.91
C ALA B 509 38.31 1.33 9.74
N VAL B 510 37.69 2.39 9.24
CA VAL B 510 36.78 2.32 8.10
C VAL B 510 37.31 3.25 7.02
N PHE B 511 37.44 2.74 5.80
CA PHE B 511 37.94 3.54 4.69
C PHE B 511 36.80 4.32 4.06
N ILE B 512 37.03 5.61 3.79
CA ILE B 512 36.02 6.51 3.27
C ILE B 512 36.62 7.34 2.15
N SER B 513 35.91 7.45 1.03
CA SER B 513 36.36 8.24 -0.09
C SER B 513 35.13 8.66 -0.90
N PRO B 514 35.24 9.73 -1.68
CA PRO B 514 34.07 10.19 -2.46
C PRO B 514 33.71 9.29 -3.64
N TYR B 515 34.40 8.18 -3.86
CA TYR B 515 34.17 7.36 -5.03
C TYR B 515 34.14 5.88 -4.66
N ASN B 516 33.31 5.12 -5.38
CA ASN B 516 33.21 3.67 -5.14
C ASN B 516 34.42 2.94 -5.73
N SER B 517 34.85 3.34 -6.92
CA SER B 517 35.99 2.68 -7.55
C SER B 517 37.25 2.82 -6.71
N GLN B 518 37.40 3.96 -6.01
CA GLN B 518 38.50 4.10 -5.07
C GLN B 518 38.31 3.19 -3.86
N ASN B 519 37.08 3.10 -3.35
CA ASN B 519 36.80 2.19 -2.25
C ASN B 519 36.89 0.72 -2.67
N ALA B 520 36.81 0.44 -3.97
CA ALA B 520 36.91 -0.93 -4.44
C ALA B 520 38.35 -1.41 -4.47
N VAL B 521 39.30 -0.51 -4.71
CA VAL B 521 40.71 -0.86 -4.67
C VAL B 521 41.17 -1.00 -3.22
N ALA B 522 40.67 -0.15 -2.33
CA ALA B 522 41.06 -0.24 -0.92
C ALA B 522 40.50 -1.50 -0.27
N SER B 523 39.38 -2.02 -0.78
CA SER B 523 38.85 -3.27 -0.25
C SER B 523 39.76 -4.44 -0.58
N LYS B 524 40.49 -4.36 -1.70
CA LYS B 524 41.41 -5.43 -2.07
C LYS B 524 42.77 -5.26 -1.42
N ILE B 525 43.33 -4.05 -1.49
CA ILE B 525 44.67 -3.82 -0.97
C ILE B 525 44.66 -3.82 0.56
N LEU B 526 43.77 -3.04 1.16
CA LEU B 526 43.78 -2.84 2.62
C LEU B 526 42.99 -3.89 3.36
N GLY B 527 41.84 -4.31 2.83
CA GLY B 527 40.96 -5.21 3.54
C GLY B 527 40.08 -4.55 4.57
N LEU B 528 40.17 -3.24 4.73
CA LEU B 528 39.31 -2.52 5.66
C LEU B 528 37.87 -2.50 5.15
N PRO B 529 36.91 -2.30 6.04
CA PRO B 529 35.54 -2.02 5.59
C PRO B 529 35.51 -0.72 4.79
N THR B 530 34.64 -0.69 3.79
CA THR B 530 34.59 0.41 2.85
C THR B 530 33.25 1.11 2.93
N GLN B 531 33.26 2.43 2.71
CA GLN B 531 32.05 3.24 2.80
C GLN B 531 32.28 4.54 2.06
N THR B 532 31.39 4.87 1.12
CA THR B 532 31.46 6.17 0.49
C THR B 532 31.03 7.25 1.47
N VAL B 533 31.35 8.51 1.12
CA VAL B 533 30.97 9.62 1.99
C VAL B 533 29.45 9.74 2.08
N ASP B 534 28.74 9.34 1.02
CA ASP B 534 27.28 9.44 1.02
C ASP B 534 26.63 8.30 1.79
N SER B 535 27.16 7.08 1.66
CA SER B 535 26.65 5.97 2.44
C SER B 535 27.13 5.99 3.88
N SER B 536 28.06 6.87 4.23
CA SER B 536 28.50 7.03 5.61
C SER B 536 27.69 8.06 6.38
N GLN B 537 26.92 8.89 5.67
CA GLN B 537 26.12 9.92 6.32
C GLN B 537 25.09 9.29 7.25
N GLY B 538 25.19 9.62 8.54
CA GLY B 538 24.32 9.09 9.57
C GLY B 538 24.97 8.10 10.50
N SER B 539 26.13 7.57 10.15
CA SER B 539 26.81 6.56 10.94
C SER B 539 28.05 7.14 11.61
N GLU B 540 28.61 6.37 12.54
CA GLU B 540 29.79 6.79 13.29
C GLU B 540 30.73 5.61 13.47
N TYR B 541 32.03 5.89 13.43
CA TYR B 541 33.05 4.86 13.60
C TYR B 541 34.17 5.44 14.45
N ASP B 542 34.91 4.55 15.12
CA ASP B 542 35.99 4.97 16.00
C ASP B 542 37.10 5.68 15.21
N TYR B 543 37.62 5.03 14.19
CA TYR B 543 38.66 5.59 13.34
C TYR B 543 38.17 5.67 11.90
N VAL B 544 38.70 6.64 11.16
CA VAL B 544 38.26 6.90 9.79
C VAL B 544 39.50 7.23 8.95
N ILE B 545 39.64 6.55 7.82
CA ILE B 545 40.68 6.85 6.84
C ILE B 545 39.99 7.45 5.61
N PHE B 546 40.38 8.67 5.25
CA PHE B 546 39.76 9.39 4.15
C PHE B 546 40.79 9.72 3.08
N THR B 547 40.41 9.52 1.83
CA THR B 547 41.22 9.87 0.67
C THR B 547 40.37 10.70 -0.27
N GLN B 548 40.75 11.97 -0.47
CA GLN B 548 39.99 12.84 -1.37
C GLN B 548 40.05 12.37 -2.82
N THR B 549 40.99 11.48 -3.15
CA THR B 549 41.11 10.85 -4.46
C THR B 549 41.38 11.84 -5.59
N THR B 550 40.57 12.88 -5.72
CA THR B 550 40.68 13.84 -6.81
C THR B 550 40.62 15.27 -6.28
N GLU B 551 40.83 16.21 -7.19
CA GLU B 551 40.48 17.61 -7.00
C GLU B 551 39.33 17.90 -7.94
N THR B 552 38.12 17.55 -7.50
CA THR B 552 36.92 17.78 -8.28
C THR B 552 35.87 18.46 -7.40
N ALA B 553 34.85 19.03 -8.05
CA ALA B 553 33.77 19.65 -7.31
C ALA B 553 33.02 18.64 -6.45
N HIS B 554 33.01 17.37 -6.86
CA HIS B 554 32.38 16.33 -6.06
C HIS B 554 33.12 16.13 -4.74
N SER B 555 34.43 15.91 -4.80
CA SER B 555 35.21 15.62 -3.61
C SER B 555 35.51 16.87 -2.78
N CYS B 556 35.42 18.06 -3.37
CA CYS B 556 35.71 19.30 -2.65
C CYS B 556 34.46 19.97 -2.09
N ASN B 557 33.28 19.41 -2.33
CA ASN B 557 32.04 19.99 -1.80
C ASN B 557 32.12 20.02 -0.27
N VAL B 558 31.94 21.20 0.29
CA VAL B 558 32.15 21.37 1.73
C VAL B 558 31.14 20.57 2.54
N ASN B 559 29.93 20.38 2.01
CA ASN B 559 28.96 19.53 2.69
C ASN B 559 29.43 18.09 2.74
N ARG B 560 30.05 17.62 1.65
CA ARG B 560 30.58 16.26 1.63
C ARG B 560 31.80 16.12 2.52
N PHE B 561 32.67 17.14 2.53
CA PHE B 561 33.81 17.12 3.44
C PHE B 561 33.36 17.22 4.88
N ASN B 562 32.30 17.98 5.15
CA ASN B 562 31.70 18.02 6.48
C ASN B 562 31.34 16.62 6.95
N VAL B 563 30.59 15.88 6.14
CA VAL B 563 30.14 14.55 6.54
C VAL B 563 31.31 13.59 6.68
N ALA B 564 32.30 13.69 5.79
CA ALA B 564 33.37 12.71 5.75
C ALA B 564 34.17 12.71 7.06
N ILE B 565 34.63 13.87 7.50
CA ILE B 565 35.49 13.92 8.67
C ILE B 565 34.73 13.81 9.99
N THR B 566 33.42 14.09 9.99
CA THR B 566 32.63 14.04 11.20
C THR B 566 32.05 12.65 11.48
N ARG B 567 32.57 11.62 10.82
CA ARG B 567 32.17 10.24 11.09
C ARG B 567 32.93 9.61 12.25
N ALA B 568 34.06 10.21 12.65
CA ALA B 568 34.99 9.59 13.56
C ALA B 568 34.70 9.97 15.01
N LYS B 569 34.83 9.00 15.91
CA LYS B 569 34.73 9.25 17.34
C LYS B 569 36.09 9.47 17.99
N VAL B 570 37.12 8.74 17.54
CA VAL B 570 38.43 8.74 18.19
C VAL B 570 39.48 9.44 17.34
N GLY B 571 39.67 8.99 16.10
CA GLY B 571 40.70 9.57 15.25
C GLY B 571 40.35 9.45 13.79
N ILE B 572 41.14 10.13 12.96
CA ILE B 572 40.91 10.15 11.53
C ILE B 572 42.21 10.50 10.82
N LEU B 573 42.46 9.82 9.71
CA LEU B 573 43.55 10.15 8.80
C LEU B 573 42.97 10.67 7.50
N CYS B 574 43.46 11.82 7.03
CA CYS B 574 42.99 12.46 5.81
C CYS B 574 44.14 12.55 4.82
N ILE B 575 44.06 11.76 3.75
CA ILE B 575 44.98 11.89 2.62
C ILE B 575 44.34 12.91 1.67
N MET B 576 44.84 14.13 1.70
CA MET B 576 44.19 15.25 1.05
C MET B 576 44.80 15.56 -0.31
N SER B 577 43.97 16.07 -1.22
CA SER B 577 44.42 16.52 -2.53
C SER B 577 44.12 17.99 -2.78
N ASP B 578 43.26 18.62 -1.97
CA ASP B 578 42.91 20.02 -2.15
C ASP B 578 43.74 20.84 -1.16
N ARG B 579 44.57 21.73 -1.70
CA ARG B 579 45.36 22.61 -0.84
C ARG B 579 44.48 23.44 0.07
N ASP B 580 43.31 23.88 -0.45
CA ASP B 580 42.40 24.69 0.35
C ASP B 580 41.88 23.91 1.55
N LEU B 581 41.23 22.76 1.30
CA LEU B 581 40.64 21.98 2.39
C LEU B 581 41.71 21.39 3.30
N TYR B 582 42.93 21.18 2.79
CA TYR B 582 43.99 20.66 3.63
C TYR B 582 44.44 21.70 4.66
N ASP B 583 44.68 22.94 4.21
CA ASP B 583 45.13 23.98 5.13
C ASP B 583 44.08 24.27 6.19
N LYS B 584 42.81 24.23 5.83
CA LYS B 584 41.76 24.47 6.82
C LYS B 584 41.60 23.30 7.78
N LEU B 585 41.97 22.09 7.35
CA LEU B 585 41.94 20.93 8.23
C LEU B 585 42.82 21.17 9.45
N GLN B 586 42.20 21.26 10.62
CA GLN B 586 42.95 21.56 11.85
C GLN B 586 43.48 20.29 12.50
N PHE B 587 44.16 19.47 11.71
CA PHE B 587 44.74 18.21 12.17
C PHE B 587 46.26 18.35 12.28
N THR B 588 46.91 17.26 12.67
CA THR B 588 48.36 17.19 12.75
C THR B 588 48.90 16.64 11.43
N SER B 589 49.65 17.46 10.70
CA SER B 589 50.14 17.07 9.38
C SER B 589 51.18 15.96 9.51
N LEU B 590 51.01 14.90 8.73
CA LEU B 590 51.97 13.81 8.69
C LEU B 590 53.00 14.07 7.59
N GLU B 591 53.92 13.13 7.43
CA GLU B 591 55.06 13.35 6.56
C GLU B 591 55.57 12.01 6.01
N ILE B 592 55.54 11.89 4.68
CA ILE B 592 56.22 10.81 3.96
C ILE B 592 56.17 11.10 2.46
N1 UJK C . -24.72 -9.92 -22.28
N3 UJK C . -23.58 -9.89 -21.56
C4 UJK C . -28.41 -11.03 -20.59
C5 UJK C . -28.26 -9.81 -21.21
C6 UJK C . -27.06 -9.45 -21.77
C7 UJK C . -25.97 -10.30 -21.68
C8 UJK C . -24.50 -9.47 -23.54
C10 UJK C . -22.33 -8.73 -24.71
C1 UJK C . -24.96 -12.52 -20.97
C2 UJK C . -26.10 -11.55 -21.07
C3 UJK C . -27.33 -11.88 -20.51
C9 UJK C . -23.15 -9.23 -23.59
N2 UJK C . -22.62 -9.48 -22.37
O1 UJK C . -21.12 -8.77 -24.58
O2 UJK C . -22.91 -8.34 -25.70
ZN ZN D . -14.28 -6.63 26.39
ZN ZN E . -21.51 3.34 26.42
ZN ZN F . -0.95 -5.23 43.77
P PO4 G . -23.93 -12.32 -15.89
O1 PO4 G . -23.17 -11.01 -15.83
O2 PO4 G . -23.06 -13.43 -15.36
O3 PO4 G . -24.31 -12.61 -17.32
O4 PO4 G . -25.17 -12.23 -15.05
P PO4 H . -23.19 -15.90 -12.34
O1 PO4 H . -22.07 -14.91 -12.57
O2 PO4 H . -22.88 -16.75 -11.14
O3 PO4 H . -23.36 -16.78 -13.55
O4 PO4 H . -24.47 -15.13 -12.10
N1 UJK I . 22.65 11.11 22.74
N3 UJK I . 22.42 10.41 21.60
C4 UJK I . 23.45 15.24 22.67
C5 UJK I . 22.36 14.76 23.34
C6 UJK I . 22.10 13.39 23.37
C7 UJK I . 22.93 12.51 22.70
C8 UJK I . 22.50 10.31 23.82
C10 UJK I . 21.96 7.79 23.98
C1 UJK I . 25.00 12.06 21.30
C2 UJK I . 24.06 12.99 22.02
C3 UJK I . 24.29 14.36 22.01
C9 UJK I . 22.21 9.06 23.31
N2 UJK I . 22.17 9.18 21.96
O1 UJK I . 21.97 7.77 25.19
O2 UJK I . 21.76 6.81 23.28
ZN ZN J . -6.61 24.31 -41.26
ZN ZN K . 3.29 23.72 -21.53
ZN ZN L . -4.27 31.37 -14.31
P PO4 M . 23.00 12.95 16.08
O1 PO4 M . 23.24 14.39 15.69
O2 PO4 M . 23.76 12.04 15.13
O3 PO4 M . 23.48 12.74 17.50
O4 PO4 M . 21.53 12.61 15.99
P PO4 N . 24.84 12.78 11.14
O1 PO4 N . 26.16 12.51 11.81
O2 PO4 N . 24.28 14.08 11.66
O3 PO4 N . 25.03 12.86 9.65
O4 PO4 N . 23.88 11.65 11.46
#